data_7G4A
#
_entry.id   7G4A
#
_cell.length_a   84.806
_cell.length_b   93.169
_cell.length_c   119.884
_cell.angle_alpha   90.000
_cell.angle_beta   90.000
_cell.angle_gamma   90.000
#
_symmetry.space_group_name_H-M   'P 21 21 21'
#
loop_
_entity.id
_entity.type
_entity.pdbx_description
1 polymer 'Isoform 2 of Ectonucleotide pyrophosphatase/phosphodiesterase family member 2'
2 branched alpha-D-mannopyranose-(1-2)-alpha-D-mannopyranose-(1-3)-[alpha-D-mannopyranose-(1-6)]alpha-D-mannopyranose-(1-6)-[alpha-D-mannopyranose-(1-2)-alpha-D-mannopyranose-(1-3)]beta-D-mannopyranose-(1-4)-2-acetamido-2-deoxy-beta-D-glucopyranose-(1-4)-2-acetamido-2-deoxy-beta-D-glucopyranose
3 non-polymer '[3-chloro-5-(methanesulfonyl)phenyl]methyl 2-(1H-benzotriazole-5-carbonyl)-2,7-diazaspiro[3.5]nonane-7-carboxylate'
4 non-polymer 3,6,9,12,15,18,21-HEPTAOXATRICOSANE-1,23-DIOL
5 non-polymer 'SULFATE ION'
6 non-polymer 'ZINC ION'
7 non-polymer 'CALCIUM ION'
8 water water
#
_entity_poly.entity_id   1
_entity_poly.type   'polypeptide(L)'
_entity_poly.pdbx_seq_one_letter_code
;FTASRIKRAEWDEGPPTVLSDSPWTATSGSCKGRCFELQEVGPPDCRCDNLCKSYSSCCHDFDELCLKTARGWECTKDRC
GEVRNEENACHCSEDCLSRGDCCTNYQVVCKGESHWVDDDCEEIKVPECPAGFVRPPLIIFSVDGFRASYMKKGSKVMPN
IEKLRSCGTHAPYMRPVYPTKTFPNLYTLATGLYPESHGIVGNSMYDPVFDASFHLRGREKFNHRWWGGQPLWITATKQG
VRAGTFFWSVSIPHERRILTILQWLSLPDNERPSVYAFYSEQPDFSGHKYGPFGPEMTNPLREIDKTVGQLMDGLKQLRL
HRCVNVIFVGDHGMEDVTCDRTEFLSNYLTNVDDITLVPGTLGRIRAKSINNSKYDPKTIIAALTCKKPDQHFKPYMKQH
LPKRLHYANNRRIEDIHLLVDRRWHVARKPLDVYKKPSGKCFFQGDHGFDNKVNSMQTVFVGYGPTFKYRTKVPPFENIE
LYNVMCDLLGLKPAPNNGTHGSLNHLLRTNTFRPTMPDEVSRPNYPGIMYLQSEFDLGCTCDDKVEPKNKLEELNKRLHT
KGSTKERHLLYGRPAVLYRTSYDILYHTDFESGYSEIFLMPLWTSYTISKQAEVSSIPEHLTNCVRPDVRVSPGFSQNCL
AYKNDKQMSYGFLFPPYLSSSPEAKYDAFLVTNMVPMYPAFKRVWAYFQRVLVKKYASERNGVNVISGPIFDYNYDGLRD
TEDEIKQYVEGSSIPVPTHYYSIITSCLDFTQPADKCDGPLSVSSFILPHRPDNDESCNSSEDESKWVEELMKMHTARVR
DIEHLTGLDFYRKTSRSYSEILTLKTYLHTYESEIGGRHHHHHHHH
;
_entity_poly.pdbx_strand_id   A
#
# COMPACT_ATOMS: atom_id res chain seq x y z
N TRP A 24 18.71 36.16 4.39
CA TRP A 24 18.34 37.46 4.94
C TRP A 24 16.85 37.75 4.77
N THR A 25 16.27 38.48 5.73
CA THR A 25 14.86 38.88 5.66
C THR A 25 14.59 40.14 6.51
N ALA A 26 14.06 41.18 5.87
CA ALA A 26 13.70 42.42 6.56
C ALA A 26 12.27 42.33 7.12
N THR A 27 12.15 41.79 8.33
CA THR A 27 10.85 41.52 8.94
C THR A 27 10.21 42.74 9.62
N SER A 28 10.34 43.91 8.99
CA SER A 28 9.86 45.16 9.57
C SER A 28 8.38 45.44 9.29
N GLY A 29 7.81 44.77 8.29
CA GLY A 29 6.39 44.87 7.98
C GLY A 29 5.56 44.40 9.16
N SER A 30 4.26 44.69 9.15
CA SER A 30 3.42 44.28 10.26
C SER A 30 2.48 43.11 9.92
N CYS A 31 1.85 42.57 10.97
CA CYS A 31 0.91 41.48 10.85
C CYS A 31 -0.45 41.93 11.31
N LYS A 32 -0.55 43.21 11.63
CA LYS A 32 -1.84 43.84 11.84
C LYS A 32 -2.72 43.50 10.63
N GLY A 33 -3.54 42.46 10.77
CA GLY A 33 -4.50 42.11 9.75
C GLY A 33 -4.13 40.95 8.85
N ARG A 34 -2.90 40.49 8.95
CA ARG A 34 -2.49 39.33 8.16
C ARG A 34 -2.36 38.11 9.08
N CYS A 35 -3.14 38.10 10.16
CA CYS A 35 -3.11 37.00 11.10
C CYS A 35 -3.54 35.69 10.47
N PHE A 36 -2.60 34.76 10.35
CA PHE A 36 -2.85 33.45 9.76
C PHE A 36 -3.41 33.62 8.36
N GLU A 37 -2.84 34.57 7.64
CA GLU A 37 -3.20 34.81 6.25
C GLU A 37 -2.95 33.55 5.45
N LEU A 38 -3.69 33.41 4.37
CA LEU A 38 -3.65 32.17 3.62
C LEU A 38 -2.58 32.19 2.54
N GLN A 39 -2.49 33.30 1.79
CA GLN A 39 -1.47 33.43 0.76
C GLN A 39 -0.18 33.90 1.41
N GLU A 40 0.95 33.35 1.00
CA GLU A 40 2.24 33.71 1.60
C GLU A 40 2.88 34.88 0.86
N VAL A 41 3.73 35.63 1.56
CA VAL A 41 4.40 36.77 0.93
C VAL A 41 5.84 36.47 0.52
N GLY A 42 6.25 37.05 -0.60
CA GLY A 42 7.58 36.87 -1.13
C GLY A 42 8.59 37.73 -0.40
N PRO A 43 9.60 37.09 0.20
CA PRO A 43 10.70 37.72 0.93
C PRO A 43 11.22 39.01 0.27
N PRO A 44 11.73 39.95 1.08
CA PRO A 44 11.85 39.80 2.54
C PRO A 44 10.73 40.47 3.33
N ASP A 45 9.63 40.84 2.68
CA ASP A 45 8.48 41.38 3.40
C ASP A 45 7.99 40.29 4.32
N CYS A 46 7.99 40.56 5.62
CA CYS A 46 7.77 39.51 6.62
C CYS A 46 6.42 38.83 6.48
N ARG A 47 6.36 37.58 6.95
CA ARG A 47 5.18 36.75 6.75
C ARG A 47 4.44 36.51 8.05
N CYS A 48 3.15 36.21 7.95
CA CYS A 48 2.32 36.00 9.13
C CYS A 48 1.42 34.76 8.99
N ASP A 49 1.72 33.93 8.00
CA ASP A 49 1.03 32.65 7.78
C ASP A 49 1.51 31.56 8.74
N ASN A 50 0.72 30.51 8.89
CA ASN A 50 1.00 29.47 9.88
C ASN A 50 2.38 28.81 9.77
N LEU A 51 3.22 29.30 8.88
CA LEU A 51 4.53 28.69 8.68
C LEU A 51 5.70 29.64 8.83
N CYS A 52 5.42 30.91 9.05
CA CYS A 52 6.45 31.94 9.09
C CYS A 52 7.55 31.62 10.11
N LYS A 53 7.20 30.86 11.15
CA LYS A 53 8.15 30.50 12.20
C LYS A 53 9.27 29.61 11.66
N SER A 54 8.89 28.55 10.95
CA SER A 54 9.82 27.57 10.39
C SER A 54 10.83 28.20 9.43
N TYR A 55 10.53 29.40 8.95
CA TYR A 55 11.41 30.12 8.04
C TYR A 55 11.99 31.36 8.71
N SER A 56 12.06 31.36 10.04
CA SER A 56 12.56 32.50 10.83
C SER A 56 11.78 33.82 10.64
N SER A 57 11.09 33.96 9.52
CA SER A 57 10.60 35.25 9.04
C SER A 57 9.18 35.64 9.45
N CYS A 58 8.83 35.42 10.71
CA CYS A 58 7.57 35.92 11.24
C CYS A 58 7.59 37.44 11.32
N CYS A 59 6.43 38.04 11.54
CA CYS A 59 6.40 39.47 11.77
C CYS A 59 6.68 39.77 13.23
N HIS A 60 7.43 40.84 13.47
CA HIS A 60 7.80 41.24 14.82
C HIS A 60 6.62 41.15 15.81
N ASP A 61 5.43 41.50 15.35
CA ASP A 61 4.25 41.49 16.19
C ASP A 61 3.43 40.22 16.03
N PHE A 62 3.99 39.22 15.34
CA PHE A 62 3.26 37.99 15.11
C PHE A 62 2.92 37.35 16.42
N ASP A 63 3.96 37.16 17.21
CA ASP A 63 3.85 36.56 18.53
C ASP A 63 2.77 37.30 19.30
N GLU A 64 2.91 38.62 19.33
CA GLU A 64 1.95 39.50 19.96
C GLU A 64 0.55 39.22 19.39
N LEU A 65 0.37 39.57 18.13
CA LEU A 65 -0.94 39.68 17.51
C LEU A 65 -1.66 38.36 17.21
N CYS A 66 -0.91 37.30 16.95
CA CYS A 66 -1.52 36.08 16.47
C CYS A 66 -1.30 34.88 17.36
N LEU A 67 -0.47 35.03 18.39
CA LEU A 67 -0.32 33.97 19.38
C LEU A 67 -0.83 34.45 20.72
N LYS A 68 -2.04 34.99 20.72
CA LYS A 68 -2.67 35.46 21.94
C LYS A 68 -2.87 34.28 22.90
N THR A 69 -2.92 34.58 24.21
CA THR A 69 -3.02 33.52 25.23
C THR A 69 -3.88 33.82 26.49
N ALA A 70 -4.22 35.08 26.75
CA ALA A 70 -4.95 35.44 27.98
C ALA A 70 -6.25 34.66 28.22
N ARG A 71 -6.57 34.47 29.51
CA ARG A 71 -7.81 33.84 29.97
C ARG A 71 -8.02 32.37 29.55
N GLY A 72 -7.02 31.79 28.88
CA GLY A 72 -7.06 30.38 28.54
C GLY A 72 -7.72 30.02 27.22
N TRP A 73 -8.36 28.86 27.16
CA TRP A 73 -9.03 28.42 25.94
C TRP A 73 -10.49 28.14 26.20
N GLU A 74 -10.94 28.45 27.40
CA GLU A 74 -12.29 28.06 27.78
C GLU A 74 -13.08 29.19 28.43
N CYS A 75 -14.36 29.28 28.07
CA CYS A 75 -15.23 30.26 28.67
C CYS A 75 -15.69 29.83 30.06
N THR A 76 -15.28 30.57 31.08
CA THR A 76 -15.84 30.36 32.40
C THR A 76 -17.22 30.99 32.45
N LYS A 77 -17.95 30.65 33.50
CA LYS A 77 -19.33 31.09 33.65
C LYS A 77 -19.41 32.57 33.96
N ASP A 78 -18.29 33.15 34.37
CA ASP A 78 -18.25 34.57 34.72
C ASP A 78 -17.92 35.39 33.48
N ARG A 79 -17.07 34.83 32.62
CA ARG A 79 -16.64 35.52 31.42
C ARG A 79 -17.80 35.72 30.47
N CYS A 80 -18.92 35.08 30.80
CA CYS A 80 -20.08 35.09 29.94
C CYS A 80 -20.61 36.49 29.66
N GLY A 81 -20.69 36.80 28.37
CA GLY A 81 -21.18 38.10 27.92
C GLY A 81 -20.32 39.25 28.40
N GLU A 82 -19.02 39.00 28.53
CA GLU A 82 -18.09 40.03 28.99
C GLU A 82 -18.02 41.22 28.03
N VAL A 83 -17.17 42.18 28.36
CA VAL A 83 -16.85 43.22 27.41
C VAL A 83 -15.68 42.66 26.63
N ARG A 84 -15.82 42.66 25.32
CA ARG A 84 -14.78 42.14 24.46
C ARG A 84 -13.44 42.81 24.79
N ASN A 85 -12.44 41.98 25.04
CA ASN A 85 -11.06 42.45 25.16
C ASN A 85 -10.24 41.80 24.07
N GLU A 86 -9.62 42.62 23.24
CA GLU A 86 -9.04 42.15 21.99
C GLU A 86 -7.81 41.26 22.10
N GLU A 87 -7.30 41.02 23.31
CA GLU A 87 -6.10 40.22 23.42
C GLU A 87 -6.21 38.95 24.26
N ASN A 88 -7.44 38.51 24.51
CA ASN A 88 -7.69 37.16 24.98
C ASN A 88 -7.36 36.18 23.86
N ALA A 89 -7.44 34.88 24.13
CA ALA A 89 -7.19 33.88 23.10
C ALA A 89 -8.49 33.56 22.40
N CYS A 90 -9.59 33.72 23.13
CA CYS A 90 -10.91 33.66 22.54
C CYS A 90 -11.88 34.45 23.43
N HIS A 91 -13.09 34.68 22.93
CA HIS A 91 -13.97 35.70 23.51
C HIS A 91 -15.33 35.17 23.87
N CYS A 92 -15.88 35.64 24.98
CA CYS A 92 -17.14 35.15 25.44
C CYS A 92 -18.12 36.30 25.43
N SER A 93 -17.74 37.32 24.68
CA SER A 93 -18.54 38.52 24.51
C SER A 93 -19.57 38.36 23.39
N GLU A 94 -20.78 38.82 23.63
CA GLU A 94 -21.93 38.61 22.73
C GLU A 94 -21.71 38.72 21.20
N ASP A 95 -20.63 39.36 20.79
CA ASP A 95 -20.31 39.52 19.38
C ASP A 95 -19.44 38.38 18.82
N CYS A 96 -18.80 37.64 19.73
CA CYS A 96 -17.81 36.62 19.39
C CYS A 96 -18.28 35.63 18.33
N LEU A 97 -19.54 35.21 18.43
CA LEU A 97 -20.11 34.27 17.47
C LEU A 97 -19.95 34.77 16.05
N SER A 98 -20.39 36.01 15.81
CA SER A 98 -20.39 36.61 14.47
C SER A 98 -19.11 37.36 14.13
N ARG A 99 -18.12 37.24 15.00
CA ARG A 99 -16.79 37.75 14.68
C ARG A 99 -15.87 36.57 14.39
N GLY A 100 -16.33 35.39 14.81
CA GLY A 100 -15.69 34.13 14.48
C GLY A 100 -14.66 33.65 15.48
N ASP A 101 -14.50 34.38 16.58
CA ASP A 101 -13.42 34.09 17.52
C ASP A 101 -13.87 33.61 18.92
N CYS A 102 -15.08 33.07 19.01
CA CYS A 102 -15.55 32.47 20.26
C CYS A 102 -14.66 31.32 20.71
N CYS A 103 -14.65 31.05 22.01
CA CYS A 103 -14.05 29.83 22.54
C CYS A 103 -15.00 28.70 22.23
N THR A 104 -14.48 27.52 21.95
CA THR A 104 -15.30 26.44 21.43
C THR A 104 -16.36 25.96 22.41
N ASN A 105 -16.26 26.42 23.65
CA ASN A 105 -17.20 26.01 24.67
C ASN A 105 -18.13 27.13 25.03
N TYR A 106 -18.08 28.19 24.23
CA TYR A 106 -18.85 29.39 24.51
C TYR A 106 -20.34 29.12 24.55
N GLN A 107 -20.85 28.51 23.49
CA GLN A 107 -22.26 28.19 23.43
C GLN A 107 -22.64 27.33 24.62
N VAL A 108 -21.75 26.40 24.97
CA VAL A 108 -22.00 25.47 26.06
C VAL A 108 -22.24 26.15 27.40
N VAL A 109 -21.18 26.75 27.93
CA VAL A 109 -21.28 27.38 29.22
C VAL A 109 -22.26 28.55 29.19
N CYS A 110 -21.93 29.57 28.40
CA CYS A 110 -22.65 30.85 28.42
C CYS A 110 -24.11 30.80 27.96
N LYS A 111 -24.39 29.99 26.93
CA LYS A 111 -25.75 29.91 26.40
C LYS A 111 -26.41 28.55 26.58
N GLY A 112 -25.97 27.82 27.61
CA GLY A 112 -26.60 26.57 28.02
C GLY A 112 -26.86 25.55 26.92
N GLU A 113 -25.83 25.25 26.14
CA GLU A 113 -25.92 24.24 25.11
C GLU A 113 -25.06 23.05 25.49
N SER A 114 -25.36 21.87 24.95
CA SER A 114 -24.58 20.67 25.27
C SER A 114 -23.37 20.53 24.38
N HIS A 115 -22.35 19.83 24.88
CA HIS A 115 -21.23 19.48 24.01
C HIS A 115 -21.70 18.49 22.97
N TRP A 116 -21.06 18.55 21.80
CA TRP A 116 -21.34 17.63 20.71
C TRP A 116 -21.35 16.17 21.15
N VAL A 117 -20.33 15.75 21.90
CA VAL A 117 -20.19 14.35 22.23
C VAL A 117 -21.38 13.85 23.06
N ASP A 118 -22.02 14.78 23.77
CA ASP A 118 -23.14 14.46 24.64
C ASP A 118 -24.43 14.37 23.83
N ASP A 119 -24.31 14.29 22.51
CA ASP A 119 -25.48 14.20 21.66
C ASP A 119 -25.61 12.82 21.04
N ASP A 120 -26.84 12.35 20.89
CA ASP A 120 -27.10 11.10 20.17
C ASP A 120 -26.71 11.34 18.74
N CYS A 121 -26.02 10.38 18.13
CA CYS A 121 -25.65 10.55 16.74
C CYS A 121 -26.90 10.54 15.89
N GLU A 122 -27.08 11.60 15.11
CA GLU A 122 -28.22 11.65 14.22
C GLU A 122 -27.70 11.29 12.85
N GLU A 123 -28.48 10.53 12.09
CA GLU A 123 -28.05 10.23 10.74
C GLU A 123 -28.09 11.51 9.96
N ILE A 124 -26.98 11.83 9.29
CA ILE A 124 -26.91 13.00 8.41
C ILE A 124 -27.30 12.65 6.99
N LYS A 125 -28.60 12.63 6.75
CA LYS A 125 -29.17 12.20 5.47
C LYS A 125 -28.85 13.12 4.28
N VAL A 126 -28.98 14.42 4.49
CA VAL A 126 -28.62 15.41 3.49
C VAL A 126 -27.63 16.37 4.11
N PRO A 127 -26.76 16.98 3.30
CA PRO A 127 -25.83 17.90 3.97
C PRO A 127 -26.56 19.17 4.39
N GLU A 128 -26.39 19.56 5.66
CA GLU A 128 -27.09 20.71 6.21
C GLU A 128 -26.13 21.88 6.45
N CYS A 129 -25.93 22.68 5.40
CA CYS A 129 -24.94 23.76 5.38
C CYS A 129 -25.62 25.14 5.41
N PRO A 130 -25.00 26.12 6.10
CA PRO A 130 -25.46 27.51 6.05
C PRO A 130 -25.18 28.07 4.67
N ALA A 131 -25.99 29.02 4.20
CA ALA A 131 -25.92 29.47 2.81
C ALA A 131 -24.54 30.03 2.49
N GLY A 132 -24.18 29.99 1.21
CA GLY A 132 -22.87 30.43 0.78
C GLY A 132 -21.89 29.29 0.67
N PHE A 133 -22.22 28.18 1.33
CA PHE A 133 -21.40 26.98 1.28
C PHE A 133 -21.79 26.09 0.11
N VAL A 134 -21.17 26.31 -1.04
CA VAL A 134 -21.44 25.54 -2.25
C VAL A 134 -21.38 24.01 -2.02
N ARG A 135 -20.44 23.59 -1.20
CA ARG A 135 -20.13 22.19 -1.05
C ARG A 135 -19.65 21.96 0.37
N PRO A 136 -20.00 20.80 0.94
CA PRO A 136 -19.46 20.34 2.22
C PRO A 136 -17.92 20.37 2.23
N PRO A 137 -17.33 21.20 3.10
CA PRO A 137 -15.88 21.30 3.24
C PRO A 137 -15.26 20.07 3.92
N LEU A 138 -13.98 19.84 3.65
CA LEU A 138 -13.31 18.65 4.16
C LEU A 138 -12.33 19.05 5.23
N ILE A 139 -12.34 18.30 6.34
CA ILE A 139 -11.33 18.54 7.37
C ILE A 139 -10.53 17.27 7.61
N ILE A 140 -9.24 17.37 7.34
CA ILE A 140 -8.34 16.27 7.44
C ILE A 140 -7.52 16.42 8.70
N PHE A 141 -7.91 15.61 9.68
CA PHE A 141 -7.37 15.64 11.00
C PHE A 141 -6.38 14.48 11.10
N SER A 142 -5.10 14.79 11.08
CA SER A 142 -4.11 13.73 11.08
C SER A 142 -3.34 13.65 12.39
N VAL A 143 -3.37 12.45 12.99
CA VAL A 143 -2.74 12.15 14.28
C VAL A 143 -1.54 11.19 14.17
N ASP A 144 -0.36 11.63 14.58
CA ASP A 144 0.87 10.84 14.32
C ASP A 144 1.07 9.68 15.29
N GLY A 145 1.29 8.50 14.73
CA GLY A 145 1.61 7.33 15.51
C GLY A 145 0.39 6.67 16.10
N PHE A 146 -0.80 7.11 15.67
CA PHE A 146 -2.02 6.58 16.27
C PHE A 146 -2.30 5.16 15.80
N ARG A 147 -1.74 4.20 16.51
CA ARG A 147 -1.92 2.77 16.27
C ARG A 147 -3.37 2.31 16.26
N ALA A 148 -3.68 1.37 15.37
CA ALA A 148 -5.04 0.87 15.15
C ALA A 148 -5.85 0.44 16.36
N SER A 149 -5.20 -0.19 17.32
CA SER A 149 -5.86 -0.75 18.49
C SER A 149 -6.08 0.28 19.61
N TYR A 150 -5.59 1.51 19.40
CA TYR A 150 -5.87 2.58 20.33
C TYR A 150 -7.36 2.91 20.39
N MET A 151 -8.09 2.53 19.36
CA MET A 151 -9.53 2.83 19.30
C MET A 151 -10.29 2.01 20.33
N LYS A 152 -9.77 0.83 20.58
CA LYS A 152 -10.51 -0.17 21.32
C LYS A 152 -10.00 -0.15 22.73
N LYS A 153 -8.68 -0.06 22.84
CA LYS A 153 -7.99 -0.14 24.12
C LYS A 153 -8.04 1.21 24.80
N GLY A 154 -8.53 2.22 24.08
CA GLY A 154 -8.60 3.55 24.60
C GLY A 154 -9.99 4.14 24.61
N SER A 155 -10.97 3.40 24.11
CA SER A 155 -12.29 3.96 23.91
C SER A 155 -12.87 4.65 25.14
N LYS A 156 -12.52 4.16 26.33
CA LYS A 156 -13.05 4.68 27.58
C LYS A 156 -12.64 6.14 27.81
N VAL A 157 -11.47 6.52 27.34
CA VAL A 157 -10.93 7.84 27.63
C VAL A 157 -11.01 8.77 26.43
N MET A 158 -11.73 8.34 25.41
CA MET A 158 -11.86 9.12 24.19
C MET A 158 -13.29 9.13 23.73
N PRO A 159 -14.18 9.82 24.45
CA PRO A 159 -15.58 9.81 24.06
C PRO A 159 -15.86 10.44 22.67
N ASN A 160 -15.22 11.57 22.35
CA ASN A 160 -15.44 12.23 21.05
C ASN A 160 -15.05 11.31 19.90
N ILE A 161 -13.88 10.69 20.04
CA ILE A 161 -13.31 9.89 19.00
C ILE A 161 -14.10 8.60 18.85
N GLU A 162 -14.75 8.19 19.93
CA GLU A 162 -15.64 7.03 19.86
C GLU A 162 -17.02 7.37 19.29
N LYS A 163 -17.44 8.63 19.38
CA LYS A 163 -18.68 9.01 18.70
C LYS A 163 -18.44 8.99 17.20
N LEU A 164 -17.35 9.64 16.80
CA LEU A 164 -16.92 9.75 15.42
C LEU A 164 -16.90 8.40 14.75
N ARG A 165 -16.26 7.45 15.43
CA ARG A 165 -16.05 6.11 14.91
C ARG A 165 -17.35 5.36 14.82
N SER A 166 -18.12 5.38 15.89
CA SER A 166 -19.29 4.53 15.97
C SER A 166 -20.43 5.06 15.14
N CYS A 167 -20.49 6.38 15.01
CA CYS A 167 -21.58 7.03 14.29
C CYS A 167 -21.22 7.28 12.83
N GLY A 168 -19.93 7.40 12.56
CA GLY A 168 -19.48 7.58 11.20
C GLY A 168 -19.19 6.28 10.48
N THR A 169 -18.09 6.30 9.76
CA THR A 169 -17.65 5.16 8.98
C THR A 169 -16.17 4.96 9.29
N HIS A 170 -15.82 3.77 9.76
CA HIS A 170 -14.45 3.44 10.12
C HIS A 170 -14.06 2.11 9.50
N ALA A 171 -12.75 1.89 9.39
CA ALA A 171 -12.19 0.55 9.15
C ALA A 171 -11.41 0.11 10.40
N PRO A 172 -11.36 -1.22 10.68
CA PRO A 172 -10.64 -1.81 11.81
C PRO A 172 -9.20 -1.31 11.91
N TYR A 173 -8.60 -1.05 10.77
CA TYR A 173 -7.27 -0.49 10.73
C TYR A 173 -7.00 -0.10 9.31
N MET A 174 -6.07 0.84 9.14
CA MET A 174 -5.64 1.26 7.83
C MET A 174 -4.19 0.87 7.67
N ARG A 175 -3.88 0.25 6.56
CA ARG A 175 -2.51 -0.11 6.26
C ARG A 175 -1.74 1.07 5.64
N PRO A 176 -0.71 1.54 6.33
CA PRO A 176 0.20 2.58 5.86
C PRO A 176 1.02 2.06 4.68
N VAL A 177 2.16 2.68 4.43
CA VAL A 177 3.08 2.19 3.41
C VAL A 177 4.44 2.07 4.02
N TYR A 178 5.28 1.30 3.38
CA TYR A 178 6.65 1.18 3.76
C TYR A 178 7.38 2.37 3.15
N PRO A 179 8.38 2.88 3.86
CA PRO A 179 8.68 2.58 5.26
C PRO A 179 7.68 3.26 6.19
N THR A 180 7.19 2.54 7.18
CA THR A 180 6.19 3.10 8.10
C THR A 180 6.75 4.29 8.93
N LYS A 181 7.38 5.24 8.23
CA LYS A 181 7.92 6.48 8.83
C LYS A 181 6.98 7.67 8.56
N THR A 182 7.14 8.75 9.30
CA THR A 182 6.18 9.86 9.27
C THR A 182 6.08 10.58 7.92
N PHE A 183 7.18 11.08 7.39
CA PHE A 183 7.12 11.80 6.11
C PHE A 183 6.62 10.97 4.91
N PRO A 184 7.23 9.80 4.63
CA PRO A 184 6.69 9.00 3.53
C PRO A 184 5.20 8.74 3.66
N ASN A 185 4.73 8.53 4.88
CA ASN A 185 3.32 8.24 5.06
C ASN A 185 2.37 9.42 4.96
N LEU A 186 2.84 10.62 5.32
CA LEU A 186 1.99 11.81 5.23
C LEU A 186 1.87 12.31 3.82
N TYR A 187 2.96 12.31 3.10
CA TYR A 187 2.91 12.68 1.69
C TYR A 187 2.26 11.61 0.80
N THR A 188 2.07 10.39 1.30
CA THR A 188 1.35 9.38 0.53
C THR A 188 -0.14 9.60 0.67
N LEU A 189 -0.55 9.96 1.87
CA LEU A 189 -1.94 10.31 2.08
C LEU A 189 -2.35 11.46 1.20
N ALA A 190 -1.42 12.37 0.94
CA ALA A 190 -1.80 13.58 0.25
C ALA A 190 -1.57 13.47 -1.24
N THR A 191 -1.00 12.37 -1.70
CA THR A 191 -0.76 12.19 -3.13
C THR A 191 -1.39 10.93 -3.67
N GLY A 192 -1.56 9.94 -2.80
CA GLY A 192 -2.02 8.64 -3.24
C GLY A 192 -0.93 7.84 -3.93
N LEU A 193 0.31 8.35 -3.85
CA LEU A 193 1.47 7.70 -4.46
C LEU A 193 2.37 7.03 -3.43
N TYR A 194 2.96 5.91 -3.81
CA TYR A 194 4.01 5.28 -3.04
C TYR A 194 5.15 6.26 -2.88
N PRO A 195 5.96 6.08 -1.84
CA PRO A 195 7.18 6.87 -1.66
C PRO A 195 8.14 6.75 -2.82
N GLU A 196 8.25 5.57 -3.43
CA GLU A 196 9.12 5.40 -4.58
C GLU A 196 8.66 6.34 -5.70
N SER A 197 7.38 6.68 -5.69
CA SER A 197 6.85 7.64 -6.65
C SER A 197 6.95 9.12 -6.24
N HIS A 198 6.40 9.54 -5.09
CA HIS A 198 6.56 10.93 -4.67
C HIS A 198 8.01 11.37 -4.32
N GLY A 199 8.86 10.40 -4.00
CA GLY A 199 10.26 10.67 -3.80
C GLY A 199 10.67 10.95 -2.36
N ILE A 200 9.68 11.00 -1.48
CA ILE A 200 9.95 11.07 -0.07
C ILE A 200 10.02 9.62 0.44
N VAL A 201 11.22 9.04 0.44
CA VAL A 201 11.35 7.61 0.75
C VAL A 201 11.77 7.30 2.19
N GLY A 202 12.05 8.35 2.95
CA GLY A 202 12.32 8.21 4.38
C GLY A 202 12.29 9.56 5.03
N ASN A 203 12.43 9.59 6.34
CA ASN A 203 12.62 10.83 7.07
C ASN A 203 14.05 11.28 6.86
N SER A 204 14.88 10.32 6.48
CA SER A 204 16.29 10.51 6.20
C SER A 204 16.42 10.16 4.73
N MET A 205 17.34 10.78 3.99
CA MET A 205 17.38 10.57 2.54
C MET A 205 18.55 11.26 1.84
N TYR A 206 19.54 10.51 1.41
CA TYR A 206 20.59 11.10 0.57
C TYR A 206 20.23 10.94 -0.90
N ASP A 207 20.37 12.02 -1.65
CA ASP A 207 20.15 11.98 -3.10
C ASP A 207 21.47 12.12 -3.86
N PRO A 208 21.82 11.08 -4.64
CA PRO A 208 23.07 10.94 -5.40
C PRO A 208 23.28 12.02 -6.44
N VAL A 209 22.20 12.46 -7.08
CA VAL A 209 22.24 13.46 -8.14
C VAL A 209 22.36 14.86 -7.56
N PHE A 210 21.66 15.08 -6.45
CA PHE A 210 21.62 16.37 -5.78
C PHE A 210 22.85 16.54 -4.93
N ASP A 211 23.52 15.42 -4.67
CA ASP A 211 24.70 15.37 -3.80
C ASP A 211 24.33 15.71 -2.36
N ALA A 212 23.03 15.90 -2.11
CA ALA A 212 22.57 16.42 -0.83
C ALA A 212 21.77 15.42 0.00
N SER A 213 21.72 15.66 1.31
CA SER A 213 20.92 14.83 2.20
C SER A 213 19.69 15.59 2.70
N PHE A 214 18.62 14.82 2.91
CA PHE A 214 17.37 15.32 3.46
C PHE A 214 17.26 14.71 4.85
N HIS A 215 17.23 15.57 5.87
CA HIS A 215 17.05 15.11 7.25
C HIS A 215 15.91 15.90 7.89
N LEU A 216 15.44 15.42 9.04
CA LEU A 216 14.35 16.08 9.74
C LEU A 216 14.79 17.41 10.36
N ARG A 217 16.00 17.46 10.90
CA ARG A 217 16.58 18.70 11.40
C ARG A 217 17.41 19.34 10.31
N GLY A 218 17.04 20.55 9.90
CA GLY A 218 17.74 21.25 8.84
C GLY A 218 16.77 21.92 7.90
N ARG A 219 17.29 22.59 6.88
CA ARG A 219 16.44 23.36 5.98
C ARG A 219 16.19 22.67 4.65
N GLU A 220 16.91 21.60 4.37
CA GLU A 220 16.84 20.99 3.04
C GLU A 220 15.44 20.47 2.69
N LYS A 221 14.70 20.04 3.71
CA LYS A 221 13.35 19.51 3.51
C LYS A 221 12.40 20.49 2.84
N PHE A 222 12.78 21.76 2.79
CA PHE A 222 11.89 22.79 2.28
C PHE A 222 12.00 22.92 0.76
N ASN A 223 13.18 22.61 0.23
CA ASN A 223 13.38 22.67 -1.20
C ASN A 223 12.40 21.73 -1.90
N HIS A 224 11.56 22.28 -2.77
CA HIS A 224 10.49 21.54 -3.43
C HIS A 224 10.96 20.37 -4.29
N ARG A 225 12.28 20.29 -4.49
CA ARG A 225 12.88 19.35 -5.42
C ARG A 225 12.81 17.90 -4.94
N TRP A 226 12.51 17.72 -3.66
CA TRP A 226 12.32 16.42 -3.06
C TRP A 226 10.91 15.93 -3.27
N TRP A 227 10.01 16.83 -3.64
CA TRP A 227 8.59 16.50 -3.59
C TRP A 227 7.97 16.42 -4.97
N GLY A 228 7.46 15.24 -5.27
CA GLY A 228 6.90 14.97 -6.57
C GLY A 228 5.42 14.80 -6.43
N GLY A 229 4.78 14.44 -7.53
CA GLY A 229 3.35 14.22 -7.53
C GLY A 229 2.60 15.48 -7.22
N GLN A 230 1.30 15.34 -7.11
CA GLN A 230 0.46 16.47 -6.86
C GLN A 230 -0.28 16.21 -5.59
N PRO A 231 0.13 16.90 -4.52
CA PRO A 231 -0.55 16.84 -3.23
C PRO A 231 -1.96 17.38 -3.33
N LEU A 232 -2.85 16.97 -2.43
CA LEU A 232 -4.24 17.38 -2.46
C LEU A 232 -4.40 18.90 -2.58
N TRP A 233 -3.54 19.65 -1.92
CA TRP A 233 -3.68 21.10 -1.86
C TRP A 233 -3.40 21.78 -3.22
N ILE A 234 -2.46 21.24 -3.97
CA ILE A 234 -2.16 21.76 -5.28
C ILE A 234 -3.26 21.33 -6.26
N THR A 235 -3.80 20.14 -6.05
CA THR A 235 -4.88 19.61 -6.90
C THR A 235 -6.15 20.43 -6.73
N ALA A 236 -6.42 20.84 -5.50
CA ALA A 236 -7.60 21.67 -5.23
C ALA A 236 -7.42 22.99 -5.94
N THR A 237 -6.29 23.62 -5.68
CA THR A 237 -6.00 24.94 -6.19
C THR A 237 -5.97 25.02 -7.72
N LYS A 238 -5.35 24.04 -8.37
CA LYS A 238 -5.32 24.02 -9.83
C LYS A 238 -6.74 23.95 -10.39
N GLN A 239 -7.69 23.52 -9.57
CA GLN A 239 -9.05 23.35 -10.05
C GLN A 239 -10.00 24.29 -9.38
N GLY A 240 -9.44 25.34 -8.79
CA GLY A 240 -10.23 26.46 -8.32
C GLY A 240 -11.05 26.12 -7.10
N VAL A 241 -10.44 25.31 -6.24
CA VAL A 241 -10.98 25.02 -4.91
C VAL A 241 -9.93 25.47 -3.90
N ARG A 242 -10.31 26.37 -3.01
CA ARG A 242 -9.33 27.01 -2.14
C ARG A 242 -8.91 26.10 -1.00
N ALA A 243 -7.61 26.08 -0.74
CA ALA A 243 -7.09 25.13 0.19
C ALA A 243 -6.44 25.81 1.37
N GLY A 244 -6.83 25.39 2.57
CA GLY A 244 -6.15 25.80 3.79
C GLY A 244 -4.68 25.41 3.72
N THR A 245 -3.93 25.78 4.74
CA THR A 245 -2.54 25.35 4.76
C THR A 245 -2.45 24.05 5.57
N PHE A 246 -1.53 23.19 5.18
CA PHE A 246 -1.53 21.81 5.66
C PHE A 246 -0.47 21.53 6.71
N PHE A 247 0.68 22.17 6.57
CA PHE A 247 1.75 22.01 7.54
C PHE A 247 1.57 23.08 8.61
N TRP A 248 2.02 22.79 9.82
CA TRP A 248 2.02 23.78 10.88
C TRP A 248 3.44 23.98 11.45
N SER A 249 3.71 25.17 11.97
CA SER A 249 4.94 25.37 12.72
C SER A 249 4.75 24.62 14.04
N VAL A 250 5.77 23.92 14.47
CA VAL A 250 5.63 23.06 15.65
C VAL A 250 5.38 23.85 16.93
N SER A 251 5.49 25.17 16.85
CA SER A 251 5.32 26.03 18.02
C SER A 251 3.92 26.63 18.20
N ILE A 252 3.01 26.36 17.27
CA ILE A 252 1.62 26.75 17.45
C ILE A 252 0.85 25.69 18.22
N PRO A 253 0.29 26.05 19.37
CA PRO A 253 -0.44 25.10 20.21
C PRO A 253 -1.73 24.64 19.55
N HIS A 254 -2.19 23.46 19.91
CA HIS A 254 -3.24 22.80 19.16
C HIS A 254 -4.56 23.53 19.28
N GLU A 255 -4.78 24.13 20.43
CA GLU A 255 -6.03 24.84 20.65
C GLU A 255 -6.10 26.05 19.70
N ARG A 256 -4.97 26.71 19.50
CA ARG A 256 -4.88 27.82 18.53
C ARG A 256 -5.08 27.32 17.10
N ARG A 257 -4.67 26.08 16.82
CA ARG A 257 -4.85 25.47 15.50
C ARG A 257 -6.33 25.32 15.16
N ILE A 258 -7.11 24.84 16.12
CA ILE A 258 -8.54 24.68 15.93
C ILE A 258 -9.26 26.02 15.81
N LEU A 259 -8.83 27.02 16.58
CA LEU A 259 -9.45 28.32 16.50
C LEU A 259 -9.20 28.92 15.14
N THR A 260 -8.00 28.72 14.62
CA THR A 260 -7.62 29.25 13.32
C THR A 260 -8.45 28.61 12.20
N ILE A 261 -8.70 27.31 12.31
CA ILE A 261 -9.53 26.60 11.36
C ILE A 261 -10.95 27.13 11.42
N LEU A 262 -11.54 27.14 12.61
CA LEU A 262 -12.86 27.74 12.80
C LEU A 262 -12.87 29.23 12.39
N GLN A 263 -11.73 29.89 12.49
CA GLN A 263 -11.65 31.26 12.03
C GLN A 263 -11.76 31.28 10.52
N TRP A 264 -10.97 30.43 9.86
CA TRP A 264 -11.03 30.31 8.41
C TRP A 264 -12.44 30.02 7.91
N LEU A 265 -13.14 29.15 8.62
CA LEU A 265 -14.54 28.86 8.32
C LEU A 265 -15.51 30.06 8.38
N SER A 266 -15.10 31.15 9.00
CA SER A 266 -15.99 32.30 9.13
C SER A 266 -15.75 33.28 7.99
N LEU A 267 -14.73 32.98 7.16
CA LEU A 267 -14.35 33.87 6.07
C LEU A 267 -15.50 34.06 5.08
N PRO A 268 -15.59 35.25 4.49
CA PRO A 268 -16.61 35.49 3.47
C PRO A 268 -16.45 34.47 2.34
N ASP A 269 -17.57 34.08 1.73
CA ASP A 269 -17.63 32.92 0.86
C ASP A 269 -16.44 32.77 -0.07
N ASN A 270 -16.06 33.84 -0.77
CA ASN A 270 -15.02 33.72 -1.78
C ASN A 270 -13.58 33.87 -1.26
N GLU A 271 -13.41 33.81 0.06
CA GLU A 271 -12.07 33.90 0.64
C GLU A 271 -11.83 32.63 1.46
N ARG A 272 -12.91 31.90 1.68
CA ARG A 272 -12.94 30.77 2.58
C ARG A 272 -12.60 29.43 1.91
N PRO A 273 -11.51 28.79 2.35
CA PRO A 273 -11.04 27.49 1.86
C PRO A 273 -12.10 26.40 1.85
N SER A 274 -11.84 25.36 1.07
CA SER A 274 -12.78 24.25 1.01
C SER A 274 -12.24 23.01 1.73
N VAL A 275 -10.92 22.92 1.87
CA VAL A 275 -10.29 21.81 2.57
C VAL A 275 -9.24 22.26 3.59
N TYR A 276 -9.35 21.78 4.82
CA TYR A 276 -8.50 22.26 5.91
C TYR A 276 -7.75 21.10 6.53
N ALA A 277 -6.63 21.38 7.19
CA ALA A 277 -5.82 20.30 7.77
C ALA A 277 -5.38 20.56 9.21
N PHE A 278 -5.60 19.59 10.08
CA PHE A 278 -5.02 19.59 11.42
C PHE A 278 -3.94 18.52 11.58
N TYR A 279 -2.89 18.83 12.35
CA TYR A 279 -1.89 17.81 12.64
C TYR A 279 -1.51 17.72 14.10
N SER A 280 -1.50 16.50 14.63
CA SER A 280 -1.03 16.23 16.00
C SER A 280 0.27 15.37 16.11
N GLU A 281 1.28 15.93 16.78
CA GLU A 281 2.56 15.26 17.01
C GLU A 281 2.37 14.08 17.94
N GLN A 282 1.32 14.15 18.74
CA GLN A 282 0.89 13.04 19.57
C GLN A 282 -0.06 12.14 18.79
N PRO A 283 -0.17 10.86 19.19
CA PRO A 283 0.53 10.23 20.31
C PRO A 283 1.95 9.75 19.97
N ASP A 284 2.43 10.00 18.76
CA ASP A 284 3.78 9.60 18.38
C ASP A 284 4.84 10.06 19.38
N PHE A 285 4.76 11.30 19.81
CA PHE A 285 5.78 11.85 20.68
C PHE A 285 5.89 11.10 22.00
N SER A 286 4.74 10.83 22.62
CA SER A 286 4.74 10.10 23.87
C SER A 286 5.19 8.68 23.65
N GLY A 287 4.50 8.00 22.74
CA GLY A 287 4.80 6.63 22.31
C GLY A 287 6.25 6.25 22.07
N HIS A 288 7.03 7.16 21.52
CA HIS A 288 8.48 6.93 21.44
C HIS A 288 9.13 6.85 22.81
N LYS A 289 8.58 7.56 23.78
CA LYS A 289 9.19 7.58 25.10
C LYS A 289 8.68 6.47 26.03
N TYR A 290 7.40 6.14 25.96
CA TYR A 290 6.81 5.19 26.91
C TYR A 290 6.45 3.84 26.29
N GLY A 291 6.73 3.67 25.01
CA GLY A 291 6.26 2.52 24.28
C GLY A 291 4.81 2.72 23.91
N PRO A 292 4.21 1.74 23.24
CA PRO A 292 2.85 1.90 22.75
C PRO A 292 1.74 1.89 23.80
N PHE A 293 1.92 1.19 24.92
CA PHE A 293 0.89 1.23 25.94
C PHE A 293 1.51 1.43 27.31
N GLY A 294 2.60 2.18 27.36
CA GLY A 294 3.10 2.66 28.63
C GLY A 294 1.91 3.24 29.35
N PRO A 295 1.84 3.09 30.67
CA PRO A 295 0.67 3.67 31.33
C PRO A 295 0.66 5.21 31.27
N GLU A 296 1.74 5.80 30.80
CA GLU A 296 1.79 7.24 30.57
C GLU A 296 0.94 7.62 29.37
N MET A 297 0.57 6.63 28.58
CA MET A 297 -0.01 6.89 27.29
C MET A 297 -1.46 7.34 27.37
N THR A 298 -2.12 7.00 28.47
CA THR A 298 -3.53 7.34 28.61
C THR A 298 -3.76 8.84 28.43
N ASN A 299 -2.81 9.63 28.89
CA ASN A 299 -2.98 11.08 28.96
C ASN A 299 -2.83 11.85 27.67
N PRO A 300 -1.76 11.60 26.90
CA PRO A 300 -1.69 12.17 25.54
C PRO A 300 -2.87 11.78 24.68
N LEU A 301 -3.49 10.63 24.94
CA LEU A 301 -4.69 10.22 24.20
C LEU A 301 -5.85 11.14 24.54
N ARG A 302 -5.98 11.52 25.81
CA ARG A 302 -7.08 12.37 26.25
C ARG A 302 -7.03 13.73 25.59
N GLU A 303 -5.84 14.31 25.52
CA GLU A 303 -5.58 15.55 24.81
C GLU A 303 -6.23 15.63 23.43
N ILE A 304 -5.94 14.62 22.63
CA ILE A 304 -6.46 14.50 21.29
C ILE A 304 -7.98 14.55 21.31
N ASP A 305 -8.59 13.60 22.01
CA ASP A 305 -10.03 13.58 22.17
C ASP A 305 -10.62 14.92 22.68
N LYS A 306 -9.84 15.63 23.48
CA LYS A 306 -10.26 16.91 24.00
C LYS A 306 -10.30 17.87 22.83
N THR A 307 -9.25 17.80 22.03
CA THR A 307 -9.11 18.65 20.85
C THR A 307 -10.17 18.34 19.80
N VAL A 308 -10.47 17.06 19.60
CA VAL A 308 -11.53 16.69 18.68
C VAL A 308 -12.84 17.25 19.18
N GLY A 309 -13.01 17.23 20.50
CA GLY A 309 -14.16 17.84 21.14
C GLY A 309 -14.26 19.30 20.80
N GLN A 310 -13.14 20.00 20.82
CA GLN A 310 -13.18 21.43 20.60
C GLN A 310 -13.60 21.77 19.18
N LEU A 311 -13.02 21.02 18.27
CA LEU A 311 -13.30 21.10 16.85
C LEU A 311 -14.75 20.81 16.59
N MET A 312 -15.27 19.76 17.19
CA MET A 312 -16.67 19.41 17.00
C MET A 312 -17.57 20.42 17.68
N ASP A 313 -17.10 20.96 18.80
CA ASP A 313 -17.90 21.94 19.51
C ASP A 313 -17.98 23.20 18.70
N GLY A 314 -16.84 23.60 18.15
CA GLY A 314 -16.78 24.77 17.28
C GLY A 314 -17.63 24.63 16.04
N LEU A 315 -17.72 23.43 15.49
CA LEU A 315 -18.52 23.22 14.28
C LEU A 315 -20.00 23.36 14.60
N LYS A 316 -20.38 22.85 15.77
CA LYS A 316 -21.72 23.03 16.28
C LYS A 316 -22.04 24.53 16.45
N GLN A 317 -21.05 25.27 16.96
CA GLN A 317 -21.17 26.70 17.14
C GLN A 317 -21.64 27.37 15.87
N LEU A 318 -21.01 26.96 14.77
CA LEU A 318 -21.23 27.58 13.48
C LEU A 318 -22.35 26.93 12.67
N ARG A 319 -23.07 25.99 13.25
CA ARG A 319 -24.08 25.21 12.52
C ARG A 319 -23.46 24.51 11.30
N LEU A 320 -22.23 24.07 11.47
CA LEU A 320 -21.48 23.39 10.44
C LEU A 320 -21.36 21.91 10.74
N HIS A 321 -21.68 21.52 11.96
CA HIS A 321 -21.39 20.18 12.47
C HIS A 321 -22.12 19.05 11.77
N ARG A 322 -23.00 19.40 10.84
CA ARG A 322 -23.74 18.40 10.06
C ARG A 322 -23.61 18.68 8.57
N CYS A 323 -22.43 19.13 8.18
CA CYS A 323 -22.22 19.73 6.87
C CYS A 323 -20.77 19.56 6.49
N VAL A 324 -19.92 19.40 7.49
CA VAL A 324 -18.50 19.18 7.26
C VAL A 324 -18.20 17.68 7.24
N ASN A 325 -17.21 17.28 6.44
CA ASN A 325 -16.73 15.93 6.39
C ASN A 325 -15.40 15.92 7.12
N VAL A 326 -15.30 15.09 8.14
CA VAL A 326 -14.08 15.03 8.90
C VAL A 326 -13.46 13.70 8.62
N ILE A 327 -12.17 13.70 8.37
CA ILE A 327 -11.41 12.47 8.20
C ILE A 327 -10.43 12.43 9.36
N PHE A 328 -10.48 11.35 10.14
CA PHE A 328 -9.61 11.13 11.30
C PHE A 328 -8.72 10.01 10.92
N VAL A 329 -7.42 10.21 10.99
CA VAL A 329 -6.54 9.24 10.38
C VAL A 329 -5.11 9.36 10.89
N GLY A 330 -4.41 8.22 10.94
CA GLY A 330 -3.02 8.19 11.36
C GLY A 330 -2.04 7.93 10.24
N ASP A 331 -0.74 8.04 10.53
CA ASP A 331 0.25 7.81 9.49
C ASP A 331 0.93 6.44 9.66
N HIS A 332 0.94 5.92 10.88
CA HIS A 332 1.52 4.63 11.24
C HIS A 332 1.27 4.34 12.72
N GLY A 333 1.57 3.14 13.17
CA GLY A 333 1.41 2.81 14.58
C GLY A 333 2.71 2.90 15.35
N MET A 334 2.73 2.30 16.52
CA MET A 334 3.92 2.23 17.36
C MET A 334 4.13 0.78 17.84
N GLU A 335 5.40 0.40 18.04
CA GLU A 335 5.76 -0.91 18.54
C GLU A 335 6.73 -0.76 19.69
N ASP A 336 6.74 -1.74 20.59
CA ASP A 336 7.74 -1.86 21.65
C ASP A 336 9.16 -2.03 21.11
N VAL A 337 10.01 -1.02 21.28
CA VAL A 337 11.39 -1.10 20.79
C VAL A 337 12.37 -0.46 21.76
N THR A 338 13.48 -1.17 22.08
CA THR A 338 14.46 -0.68 23.05
C THR A 338 15.93 -0.92 22.64
N CYS A 339 16.78 -0.01 23.11
CA CYS A 339 18.24 -0.01 22.85
C CYS A 339 18.98 -1.35 22.86
N ASP A 340 18.50 -2.35 23.61
CA ASP A 340 19.21 -3.61 23.67
C ASP A 340 18.86 -4.48 22.50
N ARG A 341 17.58 -4.49 22.12
CA ARG A 341 17.19 -5.22 20.92
C ARG A 341 17.75 -4.50 19.68
N THR A 342 19.07 -4.39 19.60
CA THR A 342 19.72 -3.70 18.50
C THR A 342 20.85 -4.56 17.93
N GLU A 343 20.74 -4.95 16.67
CA GLU A 343 21.83 -5.64 16.01
C GLU A 343 22.80 -4.61 15.44
N PHE A 344 24.09 -4.83 15.64
CA PHE A 344 25.11 -3.96 15.05
C PHE A 344 25.80 -4.70 13.93
N LEU A 345 26.22 -3.95 12.92
CA LEU A 345 26.74 -4.55 11.72
C LEU A 345 28.19 -4.87 11.95
N SER A 346 28.77 -4.22 12.94
CA SER A 346 30.18 -4.39 13.22
C SER A 346 30.38 -5.76 13.89
N ASN A 347 29.28 -6.45 14.10
CA ASN A 347 29.26 -7.85 14.51
C ASN A 347 29.11 -8.79 13.31
N TYR A 348 28.97 -8.21 12.12
CA TYR A 348 28.74 -8.99 10.90
C TYR A 348 29.80 -8.72 9.82
N LEU A 349 30.42 -7.54 9.86
CA LEU A 349 31.34 -7.16 8.79
C LEU A 349 32.75 -6.97 9.29
N THR A 350 33.51 -6.13 8.58
CA THR A 350 34.91 -5.89 8.95
C THR A 350 35.28 -4.44 8.70
N ASN A 351 34.95 -3.97 7.50
CA ASN A 351 35.21 -2.60 7.09
C ASN A 351 33.96 -1.76 7.27
N VAL A 352 33.45 -1.74 8.51
CA VAL A 352 32.20 -1.07 8.82
C VAL A 352 32.26 0.45 8.57
N ASP A 353 33.45 0.95 8.24
CA ASP A 353 33.63 2.37 7.96
C ASP A 353 33.80 2.62 6.47
N ASP A 354 33.61 1.58 5.66
CA ASP A 354 33.66 1.75 4.22
C ASP A 354 32.28 1.90 3.65
N ILE A 355 31.27 1.65 4.49
CA ILE A 355 29.89 1.86 4.12
C ILE A 355 29.26 3.05 4.86
N THR A 356 28.04 3.40 4.46
CA THR A 356 27.23 4.41 5.13
C THR A 356 25.81 3.90 5.27
N LEU A 357 25.38 3.69 6.51
CA LEU A 357 24.10 3.07 6.79
C LEU A 357 23.05 4.06 7.27
N VAL A 358 21.85 3.92 6.74
CA VAL A 358 20.70 4.65 7.24
C VAL A 358 19.96 3.72 8.18
N PRO A 359 20.10 3.95 9.50
CA PRO A 359 19.75 2.94 10.50
C PRO A 359 18.35 3.10 11.03
N GLY A 360 17.98 2.24 11.96
CA GLY A 360 16.71 2.36 12.63
C GLY A 360 15.87 1.10 12.58
N THR A 361 14.59 1.29 12.29
CA THR A 361 13.67 0.19 12.10
C THR A 361 13.81 -0.40 10.69
N LEU A 362 14.80 0.11 9.95
CA LEU A 362 15.13 -0.39 8.62
C LEU A 362 16.47 0.17 8.15
N GLY A 363 17.29 -0.70 7.59
CA GLY A 363 18.61 -0.31 7.16
C GLY A 363 18.69 -0.13 5.67
N ARG A 364 19.41 0.89 5.26
CA ARG A 364 19.75 1.09 3.87
C ARG A 364 21.25 1.39 3.85
N ILE A 365 21.98 0.76 2.93
CA ILE A 365 23.44 0.76 2.91
C ILE A 365 23.99 1.26 1.58
N ARG A 366 25.06 2.03 1.60
CA ARG A 366 25.72 2.48 0.37
C ARG A 366 27.19 2.71 0.68
N ALA A 367 28.02 2.80 -0.35
CA ALA A 367 29.42 3.11 -0.15
C ALA A 367 29.56 4.48 0.49
N LYS A 368 30.70 4.71 1.11
CA LYS A 368 30.97 6.00 1.70
C LYS A 368 31.58 6.89 0.63
N SER A 369 31.94 6.27 -0.50
CA SER A 369 32.54 6.98 -1.61
C SER A 369 32.29 6.20 -2.89
N ILE A 370 31.91 6.88 -3.98
CA ILE A 370 31.87 6.24 -5.30
C ILE A 370 33.23 6.38 -5.96
N ASN A 371 34.15 7.01 -5.23
CA ASN A 371 35.57 6.94 -5.55
C ASN A 371 36.11 5.64 -4.97
N ASN A 372 35.19 4.80 -4.54
CA ASN A 372 35.47 3.43 -4.16
C ASN A 372 34.84 2.48 -5.18
N SER A 373 35.66 2.06 -6.13
CA SER A 373 35.24 1.09 -7.13
C SER A 373 35.52 -0.33 -6.62
N LYS A 374 36.16 -0.40 -5.46
CA LYS A 374 36.44 -1.66 -4.79
C LYS A 374 35.33 -2.02 -3.82
N TYR A 375 34.17 -1.41 -4.01
CA TYR A 375 32.98 -1.69 -3.22
C TYR A 375 32.20 -2.81 -3.89
N ASP A 376 32.00 -3.91 -3.17
CA ASP A 376 31.41 -5.09 -3.76
C ASP A 376 30.14 -5.53 -3.04
N PRO A 377 28.99 -5.13 -3.58
CA PRO A 377 27.70 -5.31 -2.92
C PRO A 377 27.31 -6.77 -2.76
N LYS A 378 27.89 -7.63 -3.58
CA LYS A 378 27.59 -9.05 -3.46
C LYS A 378 28.20 -9.56 -2.17
N THR A 379 29.41 -9.11 -1.88
CA THR A 379 30.12 -9.50 -0.67
C THR A 379 29.40 -8.98 0.57
N ILE A 380 28.93 -7.74 0.49
CA ILE A 380 28.27 -7.11 1.62
C ILE A 380 27.03 -7.91 2.01
N ILE A 381 26.23 -8.28 1.01
CA ILE A 381 25.01 -9.03 1.24
C ILE A 381 25.33 -10.39 1.80
N ALA A 382 26.24 -11.07 1.11
CA ALA A 382 26.74 -12.37 1.52
C ALA A 382 27.05 -12.39 3.01
N ALA A 383 27.99 -11.54 3.42
CA ALA A 383 28.44 -11.48 4.80
C ALA A 383 27.32 -11.20 5.79
N LEU A 384 26.13 -10.91 5.26
CA LEU A 384 24.97 -10.62 6.10
C LEU A 384 23.88 -11.66 6.04
N THR A 385 24.08 -12.73 5.26
CA THR A 385 23.00 -13.70 5.08
C THR A 385 23.09 -14.91 6.03
N CYS A 386 21.97 -15.18 6.70
CA CYS A 386 21.81 -16.25 7.69
C CYS A 386 23.02 -16.45 8.61
N LYS A 387 23.69 -15.33 8.95
CA LYS A 387 24.99 -15.39 9.61
C LYS A 387 24.91 -15.67 11.11
N LYS A 388 23.76 -15.38 11.71
CA LYS A 388 23.53 -15.76 13.10
C LYS A 388 22.21 -16.49 13.23
N PRO A 389 22.19 -17.56 14.04
CA PRO A 389 21.02 -18.43 14.18
C PRO A 389 19.72 -17.66 14.44
N ASP A 390 19.78 -16.55 15.16
CA ASP A 390 18.55 -15.82 15.45
C ASP A 390 18.57 -14.41 14.87
N GLN A 391 19.21 -14.25 13.72
CA GLN A 391 19.39 -12.96 13.07
C GLN A 391 18.09 -12.15 13.07
N HIS A 392 18.17 -10.88 13.45
CA HIS A 392 16.95 -10.06 13.53
C HIS A 392 16.72 -9.09 12.36
N PHE A 393 17.64 -9.08 11.41
CA PHE A 393 17.38 -8.46 10.14
C PHE A 393 17.61 -9.45 8.99
N LYS A 394 17.14 -9.07 7.80
CA LYS A 394 17.51 -9.78 6.59
C LYS A 394 17.88 -8.80 5.48
N PRO A 395 19.05 -9.02 4.86
CA PRO A 395 19.50 -8.28 3.70
C PRO A 395 18.77 -8.66 2.40
N TYR A 396 18.41 -7.64 1.61
CA TYR A 396 17.97 -7.80 0.24
C TYR A 396 18.70 -6.78 -0.61
N MET A 397 18.87 -7.07 -1.89
CA MET A 397 19.06 -6.06 -2.90
C MET A 397 17.66 -5.52 -3.09
N LYS A 398 17.51 -4.26 -3.50
CA LYS A 398 16.18 -3.64 -3.50
C LYS A 398 15.20 -4.27 -4.49
N GLN A 399 15.72 -4.78 -5.59
CA GLN A 399 14.85 -5.46 -6.54
C GLN A 399 14.21 -6.75 -6.01
N HIS A 400 14.77 -7.30 -4.92
CA HIS A 400 14.35 -8.60 -4.38
C HIS A 400 13.39 -8.50 -3.22
N LEU A 401 13.13 -7.28 -2.78
CA LEU A 401 12.15 -7.04 -1.73
C LEU A 401 10.79 -7.48 -2.22
N PRO A 402 9.90 -7.85 -1.30
CA PRO A 402 8.53 -8.19 -1.70
C PRO A 402 7.89 -7.09 -2.51
N LYS A 403 7.19 -7.44 -3.59
CA LYS A 403 6.74 -6.46 -4.54
C LYS A 403 5.64 -5.59 -3.95
N ARG A 404 5.00 -6.09 -2.91
CA ARG A 404 3.94 -5.36 -2.19
C ARG A 404 4.44 -4.13 -1.44
N LEU A 405 5.75 -3.94 -1.41
CA LEU A 405 6.37 -2.86 -0.68
C LEU A 405 6.58 -1.71 -1.61
N HIS A 406 6.71 -2.02 -2.90
CA HIS A 406 6.90 -1.02 -3.93
C HIS A 406 7.99 -0.06 -3.52
N TYR A 407 9.07 -0.62 -3.00
CA TYR A 407 10.13 0.23 -2.48
C TYR A 407 11.41 -0.07 -3.24
N ALA A 408 11.49 0.43 -4.46
CA ALA A 408 12.69 0.17 -5.25
C ALA A 408 12.91 1.21 -6.34
N ASN A 409 11.82 1.70 -6.91
CA ASN A 409 11.95 2.49 -8.13
C ASN A 409 12.28 3.97 -7.87
N ASN A 410 13.34 4.18 -7.11
CA ASN A 410 13.86 5.51 -6.87
C ASN A 410 15.34 5.47 -6.54
N ARG A 411 16.04 6.51 -6.95
CA ARG A 411 17.48 6.60 -6.82
C ARG A 411 17.88 7.09 -5.43
N ARG A 412 16.90 7.48 -4.62
CA ARG A 412 17.19 7.82 -3.23
C ARG A 412 17.14 6.60 -2.33
N ILE A 413 16.51 5.53 -2.81
CA ILE A 413 16.57 4.22 -2.15
C ILE A 413 17.84 3.44 -2.50
N GLU A 414 18.66 3.15 -1.50
CA GLU A 414 19.92 2.44 -1.69
C GLU A 414 19.73 0.98 -2.15
N ASP A 415 20.65 0.52 -3.00
CA ASP A 415 20.55 -0.82 -3.56
C ASP A 415 20.54 -1.90 -2.50
N ILE A 416 21.17 -1.62 -1.36
CA ILE A 416 21.12 -2.55 -0.25
C ILE A 416 20.10 -2.13 0.79
N HIS A 417 19.19 -3.03 1.10
CA HIS A 417 18.19 -2.77 2.12
C HIS A 417 18.18 -3.85 3.19
N LEU A 418 17.90 -3.43 4.42
CA LEU A 418 17.83 -4.32 5.55
C LEU A 418 16.44 -4.31 6.15
N LEU A 419 15.68 -5.38 5.95
CA LEU A 419 14.35 -5.44 6.55
C LEU A 419 14.46 -5.94 7.97
N VAL A 420 13.92 -5.15 8.88
CA VAL A 420 14.15 -5.42 10.29
C VAL A 420 12.95 -6.00 11.02
N ASP A 421 13.24 -6.99 11.85
CA ASP A 421 12.26 -7.59 12.76
C ASP A 421 11.47 -6.56 13.59
N ARG A 422 10.16 -6.75 13.64
CA ARG A 422 9.34 -6.01 14.58
C ARG A 422 9.98 -6.18 15.93
N ARG A 423 10.17 -5.03 16.57
CA ARG A 423 10.71 -4.88 17.93
C ARG A 423 12.20 -4.57 17.99
N TRP A 424 12.89 -4.68 16.86
CA TRP A 424 14.33 -4.52 16.84
C TRP A 424 14.81 -3.34 16.04
N HIS A 425 16.09 -3.00 16.20
CA HIS A 425 16.74 -1.91 15.49
C HIS A 425 18.00 -2.43 14.81
N VAL A 426 18.43 -1.76 13.74
CA VAL A 426 19.77 -2.01 13.20
C VAL A 426 20.61 -0.75 13.33
N ALA A 427 21.86 -0.89 13.76
CA ALA A 427 22.77 0.25 13.81
C ALA A 427 24.11 -0.16 13.22
N ARG A 428 25.02 0.79 13.06
CA ARG A 428 26.26 0.51 12.36
C ARG A 428 27.35 0.01 13.31
N LYS A 429 27.57 0.73 14.41
CA LYS A 429 28.55 0.34 15.43
C LYS A 429 27.97 0.57 16.81
N PRO A 430 28.50 -0.13 17.83
CA PRO A 430 28.11 0.18 19.20
C PRO A 430 28.24 1.67 19.51
N LEU A 431 29.33 2.30 19.10
CA LEU A 431 29.54 3.74 19.37
C LEU A 431 28.45 4.64 18.81
N ASP A 432 27.62 4.11 17.93
CA ASP A 432 26.50 4.84 17.37
C ASP A 432 25.27 4.74 18.26
N VAL A 433 25.34 4.02 19.36
CA VAL A 433 24.12 3.81 20.15
C VAL A 433 24.16 4.41 21.56
N TYR A 434 25.26 4.25 22.28
CA TYR A 434 25.35 4.78 23.64
C TYR A 434 25.63 6.27 23.71
N LYS A 435 26.52 6.75 22.86
CA LYS A 435 26.84 8.17 22.83
C LYS A 435 26.96 8.71 21.41
N LYS A 436 25.83 8.71 20.69
CA LYS A 436 25.77 9.28 19.35
C LYS A 436 24.38 9.84 19.08
N CYS A 441 20.64 4.26 27.27
CA CYS A 441 19.47 4.15 26.40
C CYS A 441 18.29 4.96 26.94
N PHE A 442 17.31 5.23 26.08
CA PHE A 442 16.36 6.29 26.37
C PHE A 442 14.88 5.94 26.08
N PHE A 443 14.62 5.49 24.86
CA PHE A 443 13.27 5.36 24.30
C PHE A 443 12.65 3.98 24.44
N GLN A 444 11.36 3.88 24.13
CA GLN A 444 10.64 2.64 24.40
C GLN A 444 9.73 2.21 23.25
N GLY A 445 9.79 2.95 22.15
CA GLY A 445 8.96 2.67 21.00
C GLY A 445 9.48 3.34 19.75
N ASP A 446 9.47 2.63 18.63
CA ASP A 446 9.82 3.23 17.35
C ASP A 446 8.85 2.71 16.29
N HIS A 447 9.12 3.03 15.02
CA HIS A 447 8.24 2.63 13.92
C HIS A 447 9.00 2.68 12.62
N GLY A 448 8.41 2.10 11.58
CA GLY A 448 9.06 2.01 10.28
C GLY A 448 9.18 0.59 9.74
N PHE A 449 8.73 -0.40 10.49
CA PHE A 449 8.87 -1.79 10.06
C PHE A 449 8.00 -2.08 8.86
N ASP A 450 8.21 -3.26 8.25
CA ASP A 450 7.35 -3.84 7.21
C ASP A 450 5.88 -3.43 7.43
N ASN A 451 5.20 -3.02 6.37
CA ASN A 451 3.88 -2.45 6.58
C ASN A 451 2.74 -3.44 6.83
N LYS A 452 3.03 -4.73 6.80
CA LYS A 452 1.98 -5.73 7.07
C LYS A 452 1.98 -6.12 8.54
N VAL A 453 2.97 -5.60 9.28
CA VAL A 453 3.08 -5.83 10.73
C VAL A 453 1.95 -5.16 11.52
N ASN A 454 1.34 -5.89 12.44
CA ASN A 454 0.11 -5.42 13.07
C ASN A 454 0.29 -4.20 13.98
N SER A 455 1.45 -4.09 14.62
CA SER A 455 1.73 -2.94 15.46
C SER A 455 1.84 -1.66 14.60
N MET A 456 2.16 -1.81 13.33
CA MET A 456 2.28 -0.66 12.44
C MET A 456 0.98 -0.10 11.84
N GLN A 457 -0.10 -0.88 11.90
CA GLN A 457 -1.38 -0.42 11.38
C GLN A 457 -1.88 0.82 12.12
N THR A 458 -2.61 1.65 11.39
CA THR A 458 -3.03 2.94 11.90
C THR A 458 -4.56 3.02 11.81
N VAL A 459 -5.17 4.20 11.96
CA VAL A 459 -6.64 4.31 11.98
C VAL A 459 -7.28 5.14 10.88
N PHE A 460 -8.59 4.95 10.73
CA PHE A 460 -9.36 5.74 9.80
C PHE A 460 -10.83 5.74 10.18
N VAL A 461 -11.36 6.94 10.36
CA VAL A 461 -12.78 7.14 10.47
C VAL A 461 -13.14 8.23 9.48
N GLY A 462 -14.33 8.16 8.92
CA GLY A 462 -14.90 9.28 8.20
C GLY A 462 -16.24 9.66 8.79
N TYR A 463 -16.38 10.89 9.28
CA TYR A 463 -17.67 11.40 9.71
C TYR A 463 -18.12 12.53 8.78
N GLY A 464 -19.40 12.58 8.47
CA GLY A 464 -19.88 13.59 7.58
C GLY A 464 -21.10 13.15 6.80
N PRO A 465 -21.71 14.10 6.09
CA PRO A 465 -22.89 13.86 5.27
C PRO A 465 -22.55 13.00 4.05
N THR A 466 -21.30 13.07 3.58
CA THR A 466 -20.91 12.31 2.40
C THR A 466 -20.42 10.90 2.78
N PHE A 467 -20.29 10.62 4.08
CA PHE A 467 -20.00 9.27 4.54
C PHE A 467 -21.25 8.58 5.05
N LYS A 468 -21.14 7.25 5.19
CA LYS A 468 -22.25 6.42 5.62
C LYS A 468 -22.43 6.48 7.13
N TYR A 469 -23.52 5.90 7.61
CA TYR A 469 -23.96 6.05 9.00
C TYR A 469 -23.87 4.74 9.77
N ARG A 470 -22.92 4.68 10.70
CA ARG A 470 -22.66 3.49 11.51
C ARG A 470 -22.25 2.32 10.62
N THR A 471 -21.12 2.46 9.95
CA THR A 471 -20.74 1.53 8.92
C THR A 471 -19.27 1.11 9.01
N LYS A 472 -19.02 -0.18 9.23
CA LYS A 472 -17.67 -0.68 9.30
C LYS A 472 -17.22 -1.01 7.88
N VAL A 473 -15.99 -0.70 7.53
CA VAL A 473 -15.50 -1.13 6.24
C VAL A 473 -14.23 -1.93 6.43
N PRO A 474 -13.95 -2.85 5.51
CA PRO A 474 -12.73 -3.66 5.67
C PRO A 474 -11.47 -2.82 5.62
N PRO A 475 -10.37 -3.32 6.18
CA PRO A 475 -9.09 -2.62 6.15
C PRO A 475 -8.70 -2.22 4.74
N PHE A 476 -8.06 -1.07 4.58
CA PHE A 476 -7.62 -0.64 3.25
C PHE A 476 -6.30 0.12 3.31
N GLU A 477 -5.50 -0.01 2.24
CA GLU A 477 -4.22 0.68 2.22
C GLU A 477 -4.41 2.19 2.16
N ASN A 478 -3.43 2.94 2.63
CA ASN A 478 -3.57 4.38 2.73
C ASN A 478 -3.45 5.07 1.39
N ILE A 479 -2.92 4.37 0.39
CA ILE A 479 -2.71 4.98 -0.93
C ILE A 479 -4.01 5.40 -1.60
N GLU A 480 -5.13 4.99 -0.99
CA GLU A 480 -6.44 5.08 -1.63
C GLU A 480 -7.21 6.33 -1.24
N LEU A 481 -6.70 7.05 -0.25
CA LEU A 481 -7.42 8.19 0.33
C LEU A 481 -7.54 9.40 -0.59
N TYR A 482 -6.42 9.81 -1.18
CA TYR A 482 -6.37 10.87 -2.18
C TYR A 482 -7.59 10.84 -3.12
N ASN A 483 -7.88 9.70 -3.71
CA ASN A 483 -9.06 9.56 -4.56
C ASN A 483 -10.36 9.84 -3.82
N VAL A 484 -10.46 9.43 -2.58
CA VAL A 484 -11.69 9.66 -1.83
C VAL A 484 -11.80 11.14 -1.58
N MET A 485 -10.64 11.75 -1.36
CA MET A 485 -10.66 13.12 -0.96
C MET A 485 -10.93 14.03 -2.12
N CYS A 486 -10.50 13.61 -3.30
CA CYS A 486 -10.84 14.34 -4.51
C CYS A 486 -12.33 14.19 -4.77
N ASP A 487 -12.84 12.98 -4.62
CA ASP A 487 -14.27 12.78 -4.75
C ASP A 487 -15.03 13.71 -3.81
N LEU A 488 -14.59 13.77 -2.55
CA LEU A 488 -15.27 14.55 -1.52
C LEU A 488 -15.21 16.04 -1.76
N LEU A 489 -14.24 16.47 -2.54
CA LEU A 489 -14.06 17.88 -2.84
C LEU A 489 -14.46 18.23 -4.28
N GLY A 490 -15.16 17.34 -4.96
CA GLY A 490 -15.49 17.54 -6.35
C GLY A 490 -14.32 17.64 -7.32
N LEU A 491 -13.12 17.22 -6.90
CA LEU A 491 -11.95 17.29 -7.77
C LEU A 491 -11.76 16.08 -8.69
N LYS A 492 -10.90 16.26 -9.69
CA LYS A 492 -10.39 15.13 -10.46
C LYS A 492 -8.98 14.84 -10.04
N PRO A 493 -8.74 13.62 -9.58
CA PRO A 493 -7.45 13.09 -9.12
C PRO A 493 -6.34 13.11 -10.17
N ALA A 494 -5.24 13.77 -9.84
CA ALA A 494 -4.01 13.61 -10.61
C ALA A 494 -3.68 12.12 -10.63
N PRO A 495 -2.91 11.68 -11.64
CA PRO A 495 -2.56 10.25 -11.73
C PRO A 495 -1.91 9.75 -10.45
N ASN A 496 -2.51 8.76 -9.79
CA ASN A 496 -1.97 8.19 -8.54
C ASN A 496 -1.91 6.66 -8.53
N ASN A 497 -1.58 6.06 -7.39
CA ASN A 497 -1.41 4.60 -7.33
C ASN A 497 -2.57 3.89 -6.67
N GLY A 498 -3.58 4.64 -6.29
CA GLY A 498 -4.79 4.03 -5.77
C GLY A 498 -5.61 3.47 -6.91
N THR A 499 -6.73 2.85 -6.57
CA THR A 499 -7.63 2.25 -7.55
C THR A 499 -9.00 2.91 -7.44
N HIS A 500 -9.16 4.02 -8.16
CA HIS A 500 -10.37 4.83 -8.08
C HIS A 500 -11.66 4.01 -8.20
N GLY A 501 -12.49 4.10 -7.17
CA GLY A 501 -13.73 3.36 -7.10
C GLY A 501 -13.65 2.27 -6.05
N SER A 502 -12.44 1.93 -5.62
CA SER A 502 -12.22 0.78 -4.76
C SER A 502 -12.75 1.08 -3.37
N LEU A 503 -12.94 2.35 -3.10
CA LEU A 503 -13.46 2.82 -1.81
C LEU A 503 -14.84 3.48 -1.89
N ASN A 504 -15.58 3.22 -2.97
CA ASN A 504 -16.95 3.70 -3.06
C ASN A 504 -17.84 3.17 -1.94
N HIS A 505 -17.51 2.00 -1.39
CA HIS A 505 -18.36 1.41 -0.37
C HIS A 505 -18.32 2.19 0.95
N LEU A 506 -17.50 3.24 0.99
CA LEU A 506 -17.45 4.17 2.13
C LEU A 506 -18.43 5.30 1.96
N LEU A 507 -18.65 5.71 0.72
CA LEU A 507 -19.34 6.97 0.49
C LEU A 507 -20.87 6.86 0.39
N ARG A 508 -21.55 7.93 0.79
CA ARG A 508 -23.00 7.99 0.69
C ARG A 508 -23.41 8.18 -0.79
N THR A 509 -22.65 9.00 -1.51
CA THR A 509 -22.82 9.19 -2.96
C THR A 509 -21.46 9.35 -3.65
N ASN A 510 -21.32 8.78 -4.85
CA ASN A 510 -20.01 8.69 -5.49
C ASN A 510 -19.92 9.49 -6.77
N THR A 511 -18.96 10.42 -6.80
CA THR A 511 -18.62 11.15 -8.03
C THR A 511 -18.13 10.16 -9.10
N PHE A 512 -17.59 9.02 -8.67
CA PHE A 512 -16.91 8.15 -9.61
C PHE A 512 -17.59 6.83 -9.88
N ARG A 513 -18.05 6.68 -11.11
CA ARG A 513 -18.52 5.39 -11.64
C ARG A 513 -17.36 4.76 -12.40
N PRO A 514 -16.63 3.87 -11.72
CA PRO A 514 -15.42 3.24 -12.26
C PRO A 514 -15.78 2.33 -13.43
N THR A 515 -14.84 2.14 -14.35
CA THR A 515 -15.17 1.39 -15.55
C THR A 515 -14.05 0.46 -15.95
N MET A 516 -14.41 -0.77 -16.31
CA MET A 516 -13.42 -1.74 -16.73
C MET A 516 -12.68 -1.21 -17.92
N PRO A 517 -11.36 -1.41 -17.94
CA PRO A 517 -10.60 -0.98 -19.11
C PRO A 517 -10.84 -1.89 -20.33
N ASP A 518 -10.95 -1.30 -21.52
CA ASP A 518 -11.18 -2.07 -22.74
C ASP A 518 -10.05 -3.05 -23.02
N GLU A 519 -10.39 -4.21 -23.56
CA GLU A 519 -9.34 -5.12 -24.00
C GLU A 519 -8.66 -4.54 -25.24
N VAL A 520 -7.34 -4.55 -25.24
CA VAL A 520 -6.58 -3.99 -26.34
C VAL A 520 -6.31 -5.09 -27.34
N SER A 521 -5.68 -6.16 -26.87
CA SER A 521 -5.36 -7.29 -27.74
C SER A 521 -6.45 -8.34 -27.72
N ARG A 522 -6.80 -8.81 -28.91
CA ARG A 522 -7.77 -9.88 -29.01
C ARG A 522 -6.99 -11.16 -29.19
N PRO A 523 -7.57 -12.29 -28.81
CA PRO A 523 -6.77 -13.51 -28.85
C PRO A 523 -6.98 -14.29 -30.14
N ASN A 524 -5.99 -15.09 -30.51
CA ASN A 524 -6.22 -16.12 -31.51
C ASN A 524 -6.74 -17.35 -30.83
N TYR A 525 -7.52 -18.14 -31.55
CA TYR A 525 -7.95 -19.45 -31.06
C TYR A 525 -7.49 -20.53 -32.04
N PRO A 526 -6.20 -20.90 -31.98
CA PRO A 526 -5.58 -21.78 -32.99
C PRO A 526 -6.04 -23.24 -32.92
N GLY A 527 -6.29 -23.82 -34.09
CA GLY A 527 -6.61 -25.22 -34.21
C GLY A 527 -5.36 -26.01 -34.54
N ILE A 528 -5.51 -27.31 -34.83
CA ILE A 528 -4.37 -28.12 -35.18
C ILE A 528 -3.83 -27.72 -36.55
N MET A 529 -2.57 -27.33 -36.62
CA MET A 529 -1.99 -26.80 -37.85
C MET A 529 -0.61 -27.37 -38.17
N TYR A 530 -0.07 -28.20 -37.28
CA TYR A 530 1.27 -28.72 -37.46
C TYR A 530 1.36 -30.20 -37.17
N LEU A 531 2.35 -30.86 -37.78
CA LEU A 531 2.57 -32.27 -37.59
C LEU A 531 3.87 -32.46 -36.84
N GLN A 532 3.91 -33.47 -35.98
CA GLN A 532 5.07 -33.73 -35.13
C GLN A 532 6.41 -33.44 -35.79
N SER A 533 6.53 -33.83 -37.05
CA SER A 533 7.83 -33.85 -37.70
C SER A 533 8.35 -32.48 -38.07
N GLU A 534 7.46 -31.50 -38.05
CA GLU A 534 7.80 -30.12 -38.36
C GLU A 534 8.56 -29.49 -37.20
N PHE A 535 8.46 -30.12 -36.03
CA PHE A 535 9.14 -29.67 -34.83
C PHE A 535 10.53 -30.27 -34.68
N ASP A 536 11.43 -29.53 -34.05
CA ASP A 536 12.80 -29.99 -33.91
C ASP A 536 13.35 -29.48 -32.57
N LEU A 537 12.50 -29.50 -31.56
CA LEU A 537 12.86 -28.86 -30.30
C LEU A 537 13.85 -29.74 -29.57
N GLY A 538 13.98 -30.99 -30.02
CA GLY A 538 14.82 -31.96 -29.35
C GLY A 538 14.09 -32.39 -28.10
N CYS A 539 12.87 -32.88 -28.28
CA CYS A 539 12.00 -33.10 -27.13
C CYS A 539 11.58 -34.54 -26.92
N THR A 540 12.38 -35.26 -26.13
CA THR A 540 12.11 -36.63 -25.76
C THR A 540 10.80 -36.79 -25.01
N CYS A 541 9.96 -37.70 -25.51
CA CYS A 541 8.77 -38.10 -24.77
C CYS A 541 8.40 -39.57 -25.04
N ASP A 542 7.61 -40.14 -24.13
CA ASP A 542 7.15 -41.51 -24.27
C ASP A 542 5.63 -41.58 -24.06
N ASP A 543 4.88 -41.64 -25.16
CA ASP A 543 3.45 -41.37 -25.11
C ASP A 543 2.69 -42.02 -26.28
N LYS A 544 3.37 -42.89 -27.02
CA LYS A 544 2.89 -43.31 -28.33
C LYS A 544 1.95 -44.52 -28.34
N VAL A 545 1.24 -44.74 -27.24
CA VAL A 545 0.24 -45.81 -27.18
C VAL A 545 -1.15 -45.21 -26.98
N GLU A 546 -2.12 -45.68 -27.76
CA GLU A 546 -3.49 -45.14 -27.70
C GLU A 546 -4.50 -46.10 -28.34
N ASN A 549 -10.69 -45.27 -30.77
CA ASN A 549 -12.02 -45.24 -30.18
C ASN A 549 -12.92 -44.24 -30.91
N LYS A 550 -14.20 -44.21 -30.56
CA LYS A 550 -15.14 -43.24 -31.13
C LYS A 550 -15.77 -42.39 -30.03
N LEU A 551 -15.82 -42.98 -28.82
CA LEU A 551 -16.45 -42.35 -27.67
C LEU A 551 -15.66 -41.12 -27.22
N GLU A 552 -14.43 -41.34 -26.77
CA GLU A 552 -13.62 -40.25 -26.21
C GLU A 552 -12.55 -39.76 -27.16
N GLU A 553 -12.64 -40.17 -28.42
CA GLU A 553 -11.85 -39.54 -29.46
C GLU A 553 -12.61 -38.30 -29.88
N LEU A 554 -13.85 -38.19 -29.40
CA LEU A 554 -14.74 -37.05 -29.66
C LEU A 554 -14.81 -36.11 -28.46
N ASN A 555 -14.74 -36.67 -27.26
CA ASN A 555 -14.75 -35.87 -26.04
C ASN A 555 -13.50 -35.03 -25.83
N LYS A 556 -12.35 -35.58 -26.21
CA LYS A 556 -11.09 -34.89 -26.04
C LYS A 556 -11.01 -33.72 -27.04
N ARG A 557 -11.62 -33.89 -28.20
CA ARG A 557 -11.77 -32.80 -29.17
C ARG A 557 -12.47 -31.65 -28.49
N LEU A 558 -13.52 -31.98 -27.74
CA LEU A 558 -14.34 -31.01 -27.03
C LEU A 558 -13.58 -30.35 -25.88
N HIS A 559 -12.46 -30.93 -25.49
CA HIS A 559 -11.63 -30.30 -24.46
C HIS A 559 -10.85 -29.16 -25.08
N THR A 560 -10.31 -29.41 -26.28
CA THR A 560 -9.50 -28.43 -27.00
C THR A 560 -10.33 -27.33 -27.67
N LYS A 561 -11.66 -27.50 -27.66
CA LYS A 561 -12.60 -26.47 -28.13
C LYS A 561 -13.10 -25.63 -26.95
N GLY A 562 -13.18 -26.25 -25.78
CA GLY A 562 -13.60 -25.58 -24.57
C GLY A 562 -14.96 -25.99 -24.03
N SER A 563 -15.17 -27.29 -23.82
CA SER A 563 -16.39 -27.74 -23.16
C SER A 563 -16.17 -27.71 -21.66
N THR A 564 -14.90 -27.55 -21.27
CA THR A 564 -14.52 -27.40 -19.87
C THR A 564 -14.07 -25.96 -19.58
N LYS A 565 -14.50 -25.00 -20.39
CA LYS A 565 -13.99 -23.62 -20.28
C LYS A 565 -14.59 -22.85 -19.11
N GLU A 566 -15.79 -23.22 -18.69
CA GLU A 566 -16.43 -22.61 -17.53
C GLU A 566 -16.17 -23.45 -16.30
N ARG A 567 -15.21 -24.37 -16.43
CA ARG A 567 -14.79 -25.19 -15.32
C ARG A 567 -13.50 -24.56 -14.73
N HIS A 568 -12.65 -24.07 -15.62
CA HIS A 568 -11.34 -23.59 -15.21
C HIS A 568 -11.16 -22.08 -15.36
N LEU A 569 -12.13 -21.45 -16.00
CA LEU A 569 -12.16 -20.00 -16.17
C LEU A 569 -13.47 -19.55 -15.57
N LEU A 570 -13.44 -19.26 -14.28
CA LEU A 570 -14.65 -18.99 -13.53
C LEU A 570 -15.05 -17.53 -13.61
N TYR A 571 -14.06 -16.66 -13.86
CA TYR A 571 -14.28 -15.23 -13.76
C TYR A 571 -14.01 -14.60 -15.10
N GLY A 572 -13.97 -15.45 -16.13
CA GLY A 572 -13.82 -14.96 -17.49
C GLY A 572 -12.38 -14.81 -17.91
N ARG A 573 -12.16 -14.74 -19.21
CA ARG A 573 -10.81 -14.65 -19.74
C ARG A 573 -10.15 -13.36 -19.27
N PRO A 574 -8.91 -13.46 -18.75
CA PRO A 574 -8.11 -12.29 -18.44
C PRO A 574 -7.99 -11.42 -19.65
N ALA A 575 -8.12 -10.11 -19.44
CA ALA A 575 -7.99 -9.11 -20.50
C ALA A 575 -6.54 -8.67 -20.68
N VAL A 576 -6.03 -8.80 -21.91
CA VAL A 576 -4.72 -8.23 -22.23
C VAL A 576 -4.87 -6.76 -22.56
N LEU A 577 -4.09 -5.91 -21.88
CA LEU A 577 -4.29 -4.49 -21.93
C LEU A 577 -3.18 -3.78 -22.67
N TYR A 578 -2.34 -4.54 -23.34
CA TYR A 578 -1.35 -3.94 -24.22
C TYR A 578 -1.38 -4.68 -25.54
N ARG A 579 -0.64 -4.19 -26.51
CA ARG A 579 -0.71 -4.73 -27.85
C ARG A 579 0.28 -5.88 -28.07
N THR A 580 -0.23 -7.08 -28.28
CA THR A 580 0.62 -8.24 -28.54
C THR A 580 -0.11 -9.36 -29.30
N SER A 581 0.60 -10.36 -29.78
CA SER A 581 -0.09 -11.49 -30.39
C SER A 581 -0.08 -12.71 -29.48
N TYR A 582 -1.26 -13.14 -29.08
CA TYR A 582 -1.37 -14.28 -28.19
C TYR A 582 -2.52 -15.20 -28.59
N ASP A 583 -2.54 -16.40 -28.02
CA ASP A 583 -3.49 -17.44 -28.37
C ASP A 583 -4.23 -17.98 -27.15
N ILE A 584 -5.47 -18.39 -27.31
CA ILE A 584 -6.13 -19.15 -26.24
C ILE A 584 -6.00 -20.66 -26.51
N LEU A 585 -5.33 -21.35 -25.61
CA LEU A 585 -5.20 -22.79 -25.69
C LEU A 585 -6.09 -23.46 -24.68
N TYR A 586 -6.97 -24.34 -25.15
CA TYR A 586 -7.86 -25.06 -24.25
C TYR A 586 -7.35 -26.46 -23.95
N HIS A 587 -7.78 -27.02 -22.83
CA HIS A 587 -7.44 -28.39 -22.45
C HIS A 587 -8.49 -28.91 -21.49
N THR A 588 -8.33 -30.17 -21.09
CA THR A 588 -9.26 -30.81 -20.16
C THR A 588 -9.26 -30.11 -18.81
N ASP A 589 -8.06 -29.82 -18.30
CA ASP A 589 -7.90 -29.36 -16.92
C ASP A 589 -7.49 -27.90 -16.78
N PHE A 590 -6.92 -27.32 -17.83
CA PHE A 590 -6.41 -25.98 -17.74
C PHE A 590 -6.48 -25.20 -19.06
N GLU A 591 -6.81 -23.90 -18.95
CA GLU A 591 -6.84 -22.95 -20.08
C GLU A 591 -5.61 -22.07 -20.00
N SER A 592 -5.02 -21.72 -21.13
CA SER A 592 -3.90 -20.79 -21.10
C SER A 592 -3.94 -19.72 -22.19
N GLY A 593 -3.37 -18.56 -21.89
CA GLY A 593 -3.14 -17.51 -22.85
C GLY A 593 -1.67 -17.50 -23.20
N TYR A 594 -1.34 -18.16 -24.30
CA TYR A 594 0.05 -18.33 -24.74
C TYR A 594 0.53 -17.17 -25.61
N SER A 595 1.65 -16.57 -25.21
CA SER A 595 2.23 -15.44 -25.92
C SER A 595 3.24 -15.90 -26.94
N GLU A 596 2.99 -15.55 -28.19
CA GLU A 596 3.92 -15.88 -29.26
C GLU A 596 5.22 -15.08 -29.13
N ILE A 597 5.17 -13.97 -28.39
CA ILE A 597 6.30 -13.06 -28.28
C ILE A 597 7.24 -13.47 -27.18
N PHE A 598 6.65 -13.85 -26.05
CA PHE A 598 7.40 -14.27 -24.89
C PHE A 598 7.60 -15.78 -24.83
N LEU A 599 6.84 -16.51 -25.64
CA LEU A 599 7.06 -17.94 -25.83
C LEU A 599 6.64 -18.78 -24.65
N MET A 600 5.67 -18.29 -23.89
CA MET A 600 5.16 -19.02 -22.75
C MET A 600 3.80 -18.46 -22.45
N PRO A 601 3.07 -19.05 -21.51
CA PRO A 601 1.78 -18.40 -21.28
C PRO A 601 1.97 -17.11 -20.51
N LEU A 602 0.96 -16.24 -20.54
CA LEU A 602 0.93 -15.04 -19.74
C LEU A 602 0.11 -15.38 -18.54
N TRP A 603 -0.74 -16.39 -18.73
CA TRP A 603 -1.61 -16.85 -17.68
C TRP A 603 -2.03 -18.26 -17.97
N THR A 604 -2.32 -19.00 -16.90
CA THR A 604 -2.87 -20.33 -16.96
C THR A 604 -3.91 -20.35 -15.86
N SER A 605 -5.14 -20.77 -16.16
CA SER A 605 -6.21 -20.80 -15.18
C SER A 605 -6.75 -22.22 -15.00
N TYR A 606 -7.06 -22.62 -13.76
CA TYR A 606 -7.60 -23.95 -13.50
C TYR A 606 -8.26 -24.08 -12.15
N THR A 607 -9.35 -24.83 -12.11
CA THR A 607 -10.04 -25.13 -10.85
C THR A 607 -9.57 -26.46 -10.26
N ILE A 608 -9.35 -26.47 -8.95
CA ILE A 608 -9.06 -27.67 -8.20
C ILE A 608 -10.13 -27.78 -7.15
N SER A 609 -11.12 -28.65 -7.35
CA SER A 609 -12.19 -28.79 -6.38
C SER A 609 -11.61 -29.45 -5.14
N LYS A 610 -12.36 -29.41 -4.03
CA LYS A 610 -11.92 -30.01 -2.78
C LYS A 610 -11.68 -31.52 -2.89
N GLN A 611 -12.46 -32.18 -3.75
CA GLN A 611 -12.36 -33.61 -3.94
C GLN A 611 -11.25 -34.01 -4.91
N ALA A 612 -10.47 -33.03 -5.34
CA ALA A 612 -9.35 -33.28 -6.24
C ALA A 612 -8.32 -34.22 -5.61
N GLU A 613 -7.47 -34.80 -6.45
CA GLU A 613 -6.47 -35.75 -5.97
C GLU A 613 -5.09 -35.55 -6.59
N VAL A 614 -4.07 -35.46 -5.74
CA VAL A 614 -2.71 -35.28 -6.21
C VAL A 614 -2.22 -36.63 -6.68
N SER A 615 -1.47 -36.66 -7.77
CA SER A 615 -0.86 -37.90 -8.23
C SER A 615 0.58 -37.66 -8.63
N SER A 616 1.30 -38.76 -8.86
CA SER A 616 2.74 -38.70 -9.13
C SER A 616 3.02 -38.56 -10.62
N ILE A 617 4.26 -38.27 -10.95
CA ILE A 617 4.67 -38.15 -12.33
C ILE A 617 5.39 -39.43 -12.76
N PRO A 618 4.65 -40.33 -13.43
CA PRO A 618 5.06 -41.70 -13.76
C PRO A 618 6.46 -41.78 -14.37
N GLU A 619 7.11 -42.91 -14.20
CA GLU A 619 8.54 -43.00 -14.49
C GLU A 619 8.86 -42.79 -15.95
N HIS A 620 8.02 -43.31 -16.85
CA HIS A 620 8.24 -43.10 -18.29
C HIS A 620 8.06 -41.65 -18.74
N LEU A 621 7.25 -40.90 -18.00
CA LEU A 621 6.89 -39.55 -18.39
C LEU A 621 7.68 -38.47 -17.65
N THR A 622 8.82 -38.79 -17.07
CA THR A 622 9.51 -37.79 -16.24
C THR A 622 10.19 -36.64 -17.02
N ASN A 623 10.92 -36.98 -18.08
CA ASN A 623 11.56 -35.96 -18.90
C ASN A 623 10.77 -35.80 -20.18
N CYS A 624 9.45 -35.87 -20.01
CA CYS A 624 8.53 -35.78 -21.10
C CYS A 624 8.29 -34.32 -21.39
N VAL A 625 8.60 -33.91 -22.61
CA VAL A 625 8.17 -32.61 -23.10
C VAL A 625 7.68 -32.81 -24.51
N ARG A 626 6.44 -32.43 -24.76
CA ARG A 626 5.78 -32.71 -26.02
C ARG A 626 5.51 -31.44 -26.85
N PRO A 627 5.71 -31.54 -28.18
CA PRO A 627 5.38 -30.50 -29.15
C PRO A 627 3.88 -30.14 -29.19
N ASP A 628 3.55 -28.87 -29.27
CA ASP A 628 2.15 -28.47 -29.33
C ASP A 628 1.72 -28.23 -30.76
N VAL A 629 0.91 -29.12 -31.30
CA VAL A 629 0.57 -29.06 -32.72
C VAL A 629 -0.37 -27.90 -33.07
N ARG A 630 -0.66 -27.08 -32.07
CA ARG A 630 -1.49 -25.91 -32.27
C ARG A 630 -0.69 -24.65 -32.53
N VAL A 631 0.58 -24.67 -32.15
CA VAL A 631 1.48 -23.51 -32.22
C VAL A 631 2.71 -23.86 -33.05
N SER A 632 3.21 -22.89 -33.83
CA SER A 632 4.33 -23.16 -34.72
C SER A 632 5.59 -23.59 -33.97
N PRO A 633 6.45 -24.37 -34.63
CA PRO A 633 7.77 -24.61 -34.04
C PRO A 633 8.51 -23.29 -33.83
N GLY A 634 8.18 -22.30 -34.66
CA GLY A 634 8.81 -21.00 -34.57
C GLY A 634 8.37 -20.25 -33.33
N PHE A 635 7.19 -20.56 -32.84
CA PHE A 635 6.65 -19.86 -31.68
C PHE A 635 6.56 -20.73 -30.44
N SER A 636 7.31 -21.84 -30.45
CA SER A 636 7.43 -22.76 -29.31
C SER A 636 8.82 -22.59 -28.67
N GLN A 637 9.02 -23.15 -27.50
CA GLN A 637 10.37 -23.14 -26.93
C GLN A 637 11.05 -24.43 -27.36
N ASN A 638 12.36 -24.56 -27.13
CA ASN A 638 13.01 -25.85 -27.39
C ASN A 638 13.67 -26.42 -26.14
N CYS A 639 13.66 -27.75 -25.98
CA CYS A 639 14.28 -28.40 -24.84
C CYS A 639 15.79 -28.26 -24.87
N LEU A 640 16.32 -28.02 -26.07
CA LEU A 640 17.76 -28.01 -26.28
C LEU A 640 18.46 -26.87 -25.55
N ALA A 641 17.85 -25.70 -25.57
CA ALA A 641 18.41 -24.54 -24.89
C ALA A 641 18.54 -24.83 -23.41
N TYR A 642 17.58 -25.59 -22.88
CA TYR A 642 17.59 -25.99 -21.47
C TYR A 642 18.67 -27.00 -21.13
N LYS A 643 18.86 -28.00 -21.98
CA LYS A 643 19.96 -28.94 -21.80
C LYS A 643 21.29 -28.21 -21.84
N ASN A 644 21.40 -27.20 -22.70
CA ASN A 644 22.66 -26.49 -22.89
C ASN A 644 22.91 -25.43 -21.85
N ASP A 645 21.86 -25.12 -21.09
CA ASP A 645 21.96 -24.18 -20.00
C ASP A 645 21.98 -24.98 -18.69
N LYS A 646 23.13 -24.95 -18.05
CA LYS A 646 23.29 -25.65 -16.79
C LYS A 646 22.81 -24.80 -15.62
N GLN A 647 22.44 -23.57 -15.91
CA GLN A 647 21.89 -22.65 -14.91
C GLN A 647 20.39 -22.81 -14.85
N MET A 648 19.80 -23.05 -16.01
CA MET A 648 18.35 -23.08 -16.13
C MET A 648 17.78 -24.48 -16.25
N SER A 649 16.74 -24.74 -15.47
CA SER A 649 15.88 -25.89 -15.70
C SER A 649 14.56 -25.34 -16.22
N TYR A 650 13.49 -26.11 -16.11
CA TYR A 650 12.20 -25.67 -16.61
C TYR A 650 11.12 -26.20 -15.72
N GLY A 651 9.93 -25.66 -15.87
CA GLY A 651 8.83 -26.04 -15.01
C GLY A 651 7.54 -25.90 -15.77
N PHE A 652 6.43 -26.23 -15.10
CA PHE A 652 5.12 -26.24 -15.74
C PHE A 652 4.10 -25.42 -14.98
N LEU A 653 3.30 -24.65 -15.71
CA LEU A 653 2.25 -23.85 -15.08
C LEU A 653 1.09 -24.69 -14.58
N PHE A 654 0.37 -25.42 -15.44
CA PHE A 654 -0.56 -26.38 -14.84
C PHE A 654 0.26 -27.53 -14.31
N PRO A 655 0.08 -27.85 -13.03
CA PRO A 655 0.91 -28.91 -12.43
C PRO A 655 0.52 -30.25 -13.03
N PRO A 656 1.50 -31.07 -13.37
CA PRO A 656 1.14 -32.43 -13.80
C PRO A 656 0.52 -33.24 -12.64
N TYR A 657 0.96 -32.97 -11.42
CA TYR A 657 0.48 -33.66 -10.23
C TYR A 657 -1.03 -33.63 -10.07
N LEU A 658 -1.66 -32.66 -10.69
CA LEU A 658 -3.07 -32.44 -10.42
C LEU A 658 -3.94 -32.72 -11.62
N SER A 659 -3.38 -33.46 -12.57
CA SER A 659 -4.13 -34.04 -13.69
C SER A 659 -5.39 -34.76 -13.25
N SER A 660 -6.44 -34.66 -14.05
CA SER A 660 -7.71 -35.28 -13.70
C SER A 660 -7.69 -36.76 -14.03
N SER A 661 -7.03 -37.10 -15.12
CA SER A 661 -6.90 -38.49 -15.52
C SER A 661 -5.45 -38.75 -15.92
N PRO A 662 -5.06 -40.03 -15.92
CA PRO A 662 -3.70 -40.34 -16.41
C PRO A 662 -3.58 -40.09 -17.91
N GLU A 663 -4.72 -39.86 -18.54
CA GLU A 663 -4.76 -39.54 -19.96
C GLU A 663 -4.62 -38.04 -20.14
N ALA A 664 -5.31 -37.29 -19.29
CA ALA A 664 -5.20 -35.85 -19.33
C ALA A 664 -3.81 -35.37 -18.92
N LYS A 665 -3.08 -36.16 -18.13
CA LYS A 665 -1.74 -35.77 -17.67
C LYS A 665 -0.76 -35.45 -18.79
N TYR A 666 -0.92 -36.10 -19.94
CA TYR A 666 -0.11 -35.80 -21.11
C TYR A 666 -0.22 -34.31 -21.51
N ASP A 667 -1.42 -33.74 -21.32
CA ASP A 667 -1.69 -32.33 -21.65
C ASP A 667 -0.69 -31.39 -20.95
N ALA A 668 -0.35 -31.69 -19.70
CA ALA A 668 0.47 -30.79 -18.92
C ALA A 668 1.94 -30.71 -19.35
N PHE A 669 2.28 -31.44 -20.40
CA PHE A 669 3.66 -31.62 -20.81
C PHE A 669 3.92 -30.97 -22.15
N LEU A 670 2.90 -30.31 -22.68
CA LEU A 670 3.05 -29.52 -23.89
C LEU A 670 4.12 -28.46 -23.70
N VAL A 671 4.88 -28.16 -24.74
CA VAL A 671 5.93 -27.15 -24.68
C VAL A 671 5.35 -25.75 -24.42
N THR A 672 4.03 -25.64 -24.53
CA THR A 672 3.33 -24.39 -24.32
C THR A 672 2.92 -24.18 -22.86
N ASN A 673 3.17 -25.17 -22.02
CA ASN A 673 2.90 -25.09 -20.59
C ASN A 673 4.22 -24.95 -19.83
N MET A 674 5.31 -25.04 -20.56
CA MET A 674 6.66 -24.97 -20.00
C MET A 674 7.01 -23.52 -19.66
N VAL A 675 7.70 -23.31 -18.54
CA VAL A 675 8.29 -22.01 -18.25
C VAL A 675 9.68 -22.28 -17.67
N PRO A 676 10.59 -21.31 -17.77
CA PRO A 676 11.94 -21.54 -17.26
C PRO A 676 12.00 -21.37 -15.74
N MET A 677 12.63 -22.32 -15.04
CA MET A 677 12.86 -22.19 -13.60
C MET A 677 14.26 -22.58 -13.17
N TYR A 678 14.81 -21.81 -12.24
CA TYR A 678 16.07 -22.18 -11.64
C TYR A 678 15.82 -23.43 -10.82
N PRO A 679 16.83 -24.29 -10.69
CA PRO A 679 16.69 -25.44 -9.81
C PRO A 679 16.35 -25.02 -8.37
N ALA A 680 17.01 -23.99 -7.85
CA ALA A 680 16.64 -23.53 -6.52
C ALA A 680 15.16 -23.13 -6.43
N PHE A 681 14.68 -22.39 -7.41
CA PHE A 681 13.29 -21.97 -7.37
C PHE A 681 12.35 -23.14 -7.59
N LYS A 682 12.78 -24.11 -8.38
CA LYS A 682 11.98 -25.29 -8.64
C LYS A 682 11.51 -25.96 -7.36
N ARG A 683 12.40 -26.03 -6.37
CA ARG A 683 12.04 -26.54 -5.06
C ARG A 683 10.79 -25.86 -4.48
N VAL A 684 10.82 -24.53 -4.37
CA VAL A 684 9.64 -23.75 -3.95
C VAL A 684 8.42 -24.02 -4.79
N TRP A 685 8.57 -23.91 -6.10
CA TRP A 685 7.48 -24.16 -7.04
C TRP A 685 6.82 -25.52 -6.89
N ALA A 686 7.65 -26.54 -6.67
CA ALA A 686 7.19 -27.92 -6.62
C ALA A 686 6.30 -28.11 -5.44
N TYR A 687 6.74 -27.58 -4.30
CA TYR A 687 6.04 -27.82 -3.04
C TYR A 687 4.71 -27.14 -3.11
N PHE A 688 4.71 -25.97 -3.76
CA PHE A 688 3.49 -25.18 -3.94
C PHE A 688 2.45 -25.94 -4.76
N GLN A 689 2.87 -26.40 -5.94
CA GLN A 689 2.00 -27.21 -6.79
C GLN A 689 1.62 -28.56 -6.18
N ARG A 690 2.61 -29.28 -5.69
CA ARG A 690 2.33 -30.62 -5.21
C ARG A 690 1.52 -30.63 -3.90
N VAL A 691 1.89 -29.76 -2.98
CA VAL A 691 1.36 -29.84 -1.64
C VAL A 691 0.32 -28.75 -1.34
N LEU A 692 0.70 -27.49 -1.53
CA LEU A 692 -0.13 -26.36 -1.11
C LEU A 692 -1.44 -26.17 -1.87
N VAL A 693 -1.42 -26.38 -3.18
CA VAL A 693 -2.62 -26.24 -3.97
C VAL A 693 -3.72 -27.15 -3.46
N LYS A 694 -3.40 -28.40 -3.16
CA LYS A 694 -4.41 -29.28 -2.64
C LYS A 694 -4.81 -28.85 -1.25
N LYS A 695 -3.83 -28.40 -0.47
CA LYS A 695 -4.11 -27.94 0.88
C LYS A 695 -5.20 -26.86 0.88
N TYR A 696 -4.98 -25.79 0.12
CA TYR A 696 -5.96 -24.74 0.02
C TYR A 696 -7.27 -25.28 -0.52
N ALA A 697 -7.18 -26.09 -1.56
CA ALA A 697 -8.36 -26.70 -2.16
C ALA A 697 -9.26 -27.31 -1.10
N SER A 698 -8.66 -28.01 -0.14
CA SER A 698 -9.36 -28.53 1.03
C SER A 698 -9.97 -27.43 1.92
N GLU A 699 -9.13 -26.51 2.37
CA GLU A 699 -9.53 -25.48 3.32
C GLU A 699 -10.62 -24.54 2.83
N ARG A 700 -10.64 -24.25 1.54
CA ARG A 700 -11.53 -23.21 1.04
C ARG A 700 -12.59 -23.78 0.13
N ASN A 701 -12.62 -25.11 0.04
CA ASN A 701 -13.63 -25.83 -0.72
C ASN A 701 -13.51 -25.53 -2.21
N GLY A 702 -12.30 -25.69 -2.70
CA GLY A 702 -12.02 -25.46 -4.09
C GLY A 702 -11.30 -24.17 -4.22
N VAL A 703 -10.36 -24.12 -5.15
CA VAL A 703 -9.73 -22.88 -5.52
C VAL A 703 -9.61 -22.80 -7.05
N ASN A 704 -9.73 -21.60 -7.60
CA ASN A 704 -9.37 -21.37 -8.99
C ASN A 704 -8.02 -20.71 -9.04
N VAL A 705 -7.06 -21.32 -9.71
CA VAL A 705 -5.73 -20.78 -9.64
C VAL A 705 -5.30 -20.28 -10.99
N ILE A 706 -4.90 -19.02 -11.06
CA ILE A 706 -4.22 -18.47 -12.22
C ILE A 706 -2.77 -18.19 -11.91
N SER A 707 -1.88 -18.53 -12.84
CA SER A 707 -0.44 -18.41 -12.64
C SER A 707 0.18 -18.00 -13.95
N GLY A 708 1.36 -17.43 -13.90
CA GLY A 708 2.06 -17.03 -15.10
C GLY A 708 3.33 -16.33 -14.69
N PRO A 709 4.14 -15.93 -15.66
CA PRO A 709 5.43 -15.31 -15.37
C PRO A 709 5.28 -13.83 -15.10
N ILE A 710 6.37 -13.19 -14.73
CA ILE A 710 6.38 -11.77 -14.51
C ILE A 710 7.75 -11.26 -14.91
N PHE A 711 7.77 -10.23 -15.74
CA PHE A 711 9.02 -9.65 -16.19
C PHE A 711 9.14 -8.20 -15.75
N ASP A 712 10.03 -7.94 -14.79
CA ASP A 712 10.22 -6.58 -14.29
C ASP A 712 11.67 -6.28 -13.92
N TYR A 713 12.52 -6.23 -14.93
CA TYR A 713 13.94 -5.99 -14.72
C TYR A 713 14.27 -4.55 -14.30
N ASN A 714 13.37 -3.63 -14.57
CA ASN A 714 13.60 -2.25 -14.22
C ASN A 714 13.04 -1.92 -12.84
N TYR A 715 12.53 -2.94 -12.15
CA TYR A 715 11.88 -2.81 -10.84
C TYR A 715 10.99 -1.57 -10.65
N ASP A 716 10.23 -1.24 -11.69
CA ASP A 716 9.32 -0.12 -11.60
C ASP A 716 7.95 -0.57 -11.16
N GLY A 717 7.77 -1.88 -11.06
CA GLY A 717 6.49 -2.46 -10.69
C GLY A 717 5.52 -2.57 -11.85
N LEU A 718 6.04 -2.31 -13.04
CA LEU A 718 5.23 -2.38 -14.25
C LEU A 718 5.82 -3.35 -15.29
N ARG A 719 4.93 -4.03 -16.03
CA ARG A 719 5.35 -5.00 -17.06
C ARG A 719 6.44 -4.53 -18.03
N ASP A 720 7.50 -5.33 -18.15
CA ASP A 720 8.55 -5.04 -19.11
C ASP A 720 8.08 -5.49 -20.49
N THR A 721 8.57 -4.81 -21.52
CA THR A 721 8.34 -5.20 -22.92
C THR A 721 9.57 -5.89 -23.50
N GLU A 722 9.39 -6.45 -24.69
CA GLU A 722 10.41 -7.23 -25.37
C GLU A 722 11.79 -6.58 -25.29
N ASP A 723 11.87 -5.30 -25.62
CA ASP A 723 13.16 -4.64 -25.77
C ASP A 723 13.88 -4.38 -24.45
N GLU A 724 13.26 -4.77 -23.35
CA GLU A 724 13.85 -4.52 -22.04
C GLU A 724 14.22 -5.81 -21.35
N ILE A 725 14.03 -6.94 -22.03
CA ILE A 725 14.45 -8.20 -21.46
C ILE A 725 15.96 -8.21 -21.34
N LYS A 726 16.44 -8.56 -20.16
CA LYS A 726 17.86 -8.55 -19.84
C LYS A 726 18.41 -9.97 -19.77
N GLN A 727 17.59 -10.91 -19.31
CA GLN A 727 18.00 -12.32 -19.24
C GLN A 727 17.25 -13.24 -20.19
N TYR A 728 18.00 -14.11 -20.86
CA TYR A 728 17.42 -15.10 -21.76
C TYR A 728 17.95 -16.50 -21.38
N VAL A 729 17.15 -17.52 -21.64
CA VAL A 729 17.63 -18.90 -21.54
C VAL A 729 18.71 -19.06 -22.60
N GLU A 730 19.92 -19.40 -22.16
CA GLU A 730 21.11 -19.32 -23.01
C GLU A 730 20.99 -19.89 -24.42
N GLY A 731 21.27 -19.04 -25.40
CA GLY A 731 21.30 -19.46 -26.78
C GLY A 731 19.91 -19.53 -27.40
N SER A 732 18.96 -18.90 -26.73
CA SER A 732 17.60 -18.89 -27.26
C SER A 732 16.97 -17.56 -27.03
N SER A 733 15.77 -17.41 -27.57
CA SER A 733 14.99 -16.20 -27.44
C SER A 733 14.00 -16.33 -26.29
N ILE A 734 14.24 -17.30 -25.41
CA ILE A 734 13.35 -17.57 -24.30
C ILE A 734 13.71 -16.71 -23.10
N PRO A 735 12.87 -15.71 -22.81
CA PRO A 735 13.20 -14.78 -21.74
C PRO A 735 12.86 -15.36 -20.39
N VAL A 736 13.61 -14.94 -19.38
CA VAL A 736 13.51 -15.52 -18.06
C VAL A 736 12.67 -14.61 -17.17
N PRO A 737 11.59 -15.15 -16.60
CA PRO A 737 10.78 -14.30 -15.73
C PRO A 737 11.57 -13.94 -14.49
N THR A 738 11.30 -12.76 -13.93
CA THR A 738 11.93 -12.32 -12.69
C THR A 738 11.10 -12.74 -11.52
N HIS A 739 9.82 -12.96 -11.76
CA HIS A 739 8.92 -13.45 -10.73
C HIS A 739 7.95 -14.42 -11.35
N TYR A 740 7.21 -15.14 -10.51
CA TYR A 740 6.06 -15.89 -10.97
C TYR A 740 4.93 -15.62 -10.00
N TYR A 741 3.71 -15.47 -10.49
CA TYR A 741 2.64 -15.06 -9.63
C TYR A 741 1.59 -16.13 -9.54
N SER A 742 0.69 -15.99 -8.58
CA SER A 742 -0.54 -16.78 -8.62
C SER A 742 -1.66 -16.07 -7.88
N ILE A 743 -2.85 -16.08 -8.49
CA ILE A 743 -4.09 -15.60 -7.89
C ILE A 743 -4.93 -16.81 -7.48
N ILE A 744 -5.25 -16.93 -6.21
CA ILE A 744 -6.03 -18.06 -5.72
C ILE A 744 -7.37 -17.64 -5.14
N THR A 745 -8.43 -17.95 -5.86
CA THR A 745 -9.75 -17.45 -5.59
C THR A 745 -10.67 -18.60 -5.20
N SER A 746 -11.60 -18.34 -4.29
CA SER A 746 -12.60 -19.33 -3.91
C SER A 746 -13.82 -18.56 -3.49
N CYS A 747 -14.88 -19.27 -3.11
CA CYS A 747 -16.06 -18.58 -2.62
C CYS A 747 -15.77 -17.98 -1.24
N LEU A 748 -16.27 -16.78 -0.98
CA LEU A 748 -16.03 -16.15 0.30
C LEU A 748 -16.76 -16.92 1.40
N ASP A 749 -17.96 -17.36 1.05
CA ASP A 749 -18.70 -18.31 1.84
C ASP A 749 -18.21 -19.71 1.49
N PHE A 750 -17.20 -20.19 2.22
CA PHE A 750 -16.54 -21.45 1.91
C PHE A 750 -17.41 -22.69 2.08
N THR A 751 -18.72 -22.51 2.26
CA THR A 751 -19.62 -23.65 2.24
C THR A 751 -20.14 -23.86 0.83
N GLN A 752 -19.76 -22.97 -0.07
CA GLN A 752 -20.04 -23.15 -1.49
C GLN A 752 -18.77 -23.55 -2.22
N PRO A 753 -18.89 -24.47 -3.17
CA PRO A 753 -17.70 -24.88 -3.91
C PRO A 753 -17.21 -23.71 -4.74
N ALA A 754 -15.89 -23.48 -4.78
CA ALA A 754 -15.29 -22.46 -5.65
C ALA A 754 -16.01 -22.31 -6.98
N ASP A 755 -16.42 -23.44 -7.56
CA ASP A 755 -17.02 -23.49 -8.89
C ASP A 755 -18.55 -23.48 -8.86
N LYS A 756 -19.11 -22.79 -7.89
CA LYS A 756 -20.56 -22.65 -7.81
C LYS A 756 -20.87 -21.54 -6.82
N CYS A 757 -19.84 -20.81 -6.43
CA CYS A 757 -20.02 -19.67 -5.55
C CYS A 757 -20.70 -18.55 -6.31
N ASP A 758 -21.87 -18.15 -5.82
CA ASP A 758 -22.64 -17.08 -6.42
C ASP A 758 -22.80 -15.92 -5.44
N GLY A 759 -21.79 -15.75 -4.58
CA GLY A 759 -21.75 -14.63 -3.66
C GLY A 759 -20.46 -13.87 -3.82
N PRO A 760 -20.05 -13.13 -2.78
CA PRO A 760 -18.77 -12.42 -2.81
C PRO A 760 -17.65 -13.43 -2.93
N LEU A 761 -16.50 -13.00 -3.43
CA LEU A 761 -15.40 -13.92 -3.60
C LEU A 761 -14.43 -13.77 -2.47
N SER A 762 -13.43 -14.63 -2.49
CA SER A 762 -12.31 -14.57 -1.58
C SER A 762 -11.09 -14.87 -2.44
N VAL A 763 -9.98 -14.18 -2.22
CA VAL A 763 -8.79 -14.35 -3.04
C VAL A 763 -7.59 -14.33 -2.14
N SER A 764 -6.44 -14.74 -2.66
CA SER A 764 -5.14 -14.49 -2.04
C SER A 764 -4.07 -14.71 -3.08
N SER A 765 -3.05 -13.89 -3.07
CA SER A 765 -2.08 -13.89 -4.15
C SER A 765 -0.66 -13.78 -3.67
N PHE A 766 0.28 -14.06 -4.56
CA PHE A 766 1.70 -13.93 -4.29
C PHE A 766 2.49 -13.79 -5.56
N ILE A 767 3.70 -13.27 -5.39
CA ILE A 767 4.61 -12.93 -6.45
C ILE A 767 5.99 -13.33 -5.94
N LEU A 768 6.42 -14.54 -6.24
CA LEU A 768 7.69 -15.03 -5.71
C LEU A 768 8.79 -14.63 -6.65
N PRO A 769 9.93 -14.23 -6.09
CA PRO A 769 11.02 -13.83 -6.95
C PRO A 769 11.68 -15.06 -7.54
N HIS A 770 11.78 -15.10 -8.86
CA HIS A 770 12.51 -16.14 -9.54
C HIS A 770 14.01 -16.00 -9.28
N ARG A 771 14.50 -16.68 -8.26
CA ARG A 771 15.90 -16.54 -7.88
C ARG A 771 16.64 -17.87 -7.85
N PRO A 772 17.92 -17.85 -8.23
CA PRO A 772 18.82 -18.99 -8.41
C PRO A 772 19.35 -19.62 -7.15
N ASP A 773 19.11 -18.99 -6.01
CA ASP A 773 19.42 -19.57 -4.71
C ASP A 773 18.22 -19.41 -3.81
N ASN A 774 18.34 -19.89 -2.59
CA ASN A 774 17.29 -19.62 -1.63
C ASN A 774 17.87 -18.93 -0.40
N ASP A 775 18.88 -18.10 -0.63
CA ASP A 775 19.57 -17.44 0.46
C ASP A 775 18.63 -16.56 1.28
N GLU A 776 17.55 -16.11 0.65
CA GLU A 776 16.48 -15.43 1.39
C GLU A 776 16.00 -16.33 2.54
N SER A 777 15.88 -17.63 2.29
CA SER A 777 15.39 -18.56 3.32
C SER A 777 16.52 -19.25 4.09
N CYS A 778 16.60 -18.99 5.39
CA CYS A 778 17.71 -19.51 6.17
C CYS A 778 17.48 -20.97 6.57
N ASN A 779 16.27 -21.45 6.35
CA ASN A 779 15.94 -22.84 6.59
C ASN A 779 15.89 -23.65 5.31
N SER A 780 16.43 -23.08 4.23
CA SER A 780 16.29 -23.68 2.91
C SER A 780 16.76 -25.15 2.87
N SER A 781 17.86 -25.42 3.56
CA SER A 781 18.47 -26.74 3.51
C SER A 781 17.65 -27.83 4.23
N GLU A 782 16.41 -27.54 4.55
CA GLU A 782 15.54 -28.53 5.17
C GLU A 782 14.37 -28.84 4.27
N ASP A 783 13.34 -29.42 4.87
CA ASP A 783 12.17 -29.81 4.10
C ASP A 783 11.36 -28.58 3.74
N GLU A 784 10.91 -28.54 2.51
CA GLU A 784 10.04 -27.50 2.03
C GLU A 784 8.85 -27.26 2.98
N SER A 785 8.47 -28.29 3.73
CA SER A 785 7.29 -28.19 4.60
C SER A 785 7.52 -27.21 5.72
N LYS A 786 8.77 -26.77 5.83
CA LYS A 786 9.24 -25.99 6.96
C LYS A 786 9.66 -24.57 6.60
N TRP A 787 9.55 -24.19 5.32
CA TRP A 787 10.05 -22.88 4.92
C TRP A 787 9.43 -22.28 3.67
N VAL A 788 8.92 -23.11 2.78
CA VAL A 788 8.30 -22.58 1.57
C VAL A 788 7.09 -21.75 1.93
N GLU A 789 6.12 -22.34 2.59
CA GLU A 789 4.86 -21.63 2.86
C GLU A 789 5.12 -20.28 3.54
N GLU A 790 6.21 -20.22 4.30
CA GLU A 790 6.61 -19.01 4.98
C GLU A 790 7.10 -17.93 4.02
N LEU A 791 7.79 -18.34 2.96
CA LEU A 791 8.32 -17.44 1.95
C LEU A 791 7.23 -16.93 1.01
N MET A 792 6.14 -17.66 0.93
CA MET A 792 5.05 -17.23 0.09
C MET A 792 4.23 -16.16 0.78
N LYS A 793 3.93 -16.41 2.05
CA LYS A 793 3.32 -15.39 2.91
C LYS A 793 4.09 -14.07 2.90
N MET A 794 5.41 -14.17 2.80
CA MET A 794 6.23 -12.98 2.79
C MET A 794 6.00 -12.26 1.49
N HIS A 795 5.86 -13.00 0.42
CA HIS A 795 5.74 -12.36 -0.88
C HIS A 795 4.32 -12.36 -1.36
N THR A 796 3.39 -12.09 -0.47
CA THR A 796 2.00 -11.98 -0.87
C THR A 796 1.76 -10.62 -1.55
N ALA A 797 0.67 -10.52 -2.30
CA ALA A 797 0.46 -9.37 -3.16
C ALA A 797 -1.02 -9.19 -3.45
N ARG A 798 -1.39 -7.99 -3.87
CA ARG A 798 -2.77 -7.76 -4.27
C ARG A 798 -2.88 -8.14 -5.74
N VAL A 799 -4.08 -8.51 -6.16
CA VAL A 799 -4.31 -8.83 -7.55
C VAL A 799 -3.93 -7.65 -8.44
N ARG A 800 -4.25 -6.45 -7.97
CA ARG A 800 -3.89 -5.23 -8.68
C ARG A 800 -2.40 -5.11 -8.92
N ASP A 801 -1.59 -5.60 -8.00
CA ASP A 801 -0.14 -5.46 -8.14
C ASP A 801 0.32 -6.30 -9.32
N ILE A 802 -0.31 -7.46 -9.46
CA ILE A 802 -0.04 -8.39 -10.53
C ILE A 802 -0.50 -7.83 -11.85
N GLU A 803 -1.69 -7.23 -11.80
CA GLU A 803 -2.20 -6.46 -12.93
C GLU A 803 -1.25 -5.41 -13.48
N HIS A 804 -0.60 -4.63 -12.63
CA HIS A 804 0.43 -3.71 -13.11
C HIS A 804 1.60 -4.48 -13.73
N LEU A 805 1.98 -5.60 -13.12
CA LEU A 805 3.17 -6.32 -13.54
C LEU A 805 2.97 -7.19 -14.78
N THR A 806 1.74 -7.58 -15.05
CA THR A 806 1.45 -8.42 -16.21
C THR A 806 0.82 -7.64 -17.35
N GLY A 807 0.25 -6.49 -16.99
CA GLY A 807 -0.56 -5.71 -17.91
C GLY A 807 -1.84 -6.43 -18.22
N LEU A 808 -2.31 -7.24 -17.30
CA LEU A 808 -3.53 -7.98 -17.51
C LEU A 808 -4.64 -7.36 -16.69
N ASP A 809 -5.85 -7.89 -16.84
CA ASP A 809 -6.99 -7.44 -16.08
C ASP A 809 -7.97 -8.58 -15.80
N PHE A 810 -8.18 -8.87 -14.53
CA PHE A 810 -8.89 -10.09 -14.11
C PHE A 810 -10.31 -9.78 -13.66
N TYR A 811 -11.08 -10.85 -13.44
CA TYR A 811 -12.46 -10.79 -12.96
C TYR A 811 -13.40 -10.00 -13.85
N ARG A 812 -13.39 -10.33 -15.14
CA ARG A 812 -14.23 -9.61 -16.09
C ARG A 812 -15.67 -10.10 -16.09
N LYS A 813 -15.84 -11.41 -15.94
CA LYS A 813 -17.19 -11.96 -15.93
C LYS A 813 -17.52 -12.53 -14.56
N THR A 814 -18.14 -11.70 -13.75
CA THR A 814 -18.67 -12.18 -12.49
C THR A 814 -20.08 -11.65 -12.34
N SER A 815 -20.75 -12.10 -11.29
CA SER A 815 -22.06 -11.61 -10.96
C SER A 815 -21.94 -10.39 -10.05
N ARG A 816 -20.73 -10.11 -9.58
CA ARG A 816 -20.50 -9.04 -8.59
C ARG A 816 -20.33 -7.65 -9.21
N SER A 817 -20.58 -6.62 -8.40
CA SER A 817 -20.54 -5.25 -8.88
C SER A 817 -19.09 -4.94 -9.21
N TYR A 818 -18.87 -3.97 -10.08
CA TYR A 818 -17.50 -3.71 -10.50
C TYR A 818 -16.76 -3.07 -9.32
N SER A 819 -17.48 -2.26 -8.55
CA SER A 819 -16.92 -1.67 -7.34
C SER A 819 -16.47 -2.73 -6.35
N GLU A 820 -17.34 -3.71 -6.09
CA GLU A 820 -16.96 -4.86 -5.28
C GLU A 820 -15.68 -5.51 -5.84
N ILE A 821 -15.60 -5.70 -7.16
CA ILE A 821 -14.43 -6.33 -7.76
C ILE A 821 -13.16 -5.53 -7.56
N LEU A 822 -13.23 -4.22 -7.58
CA LEU A 822 -12.04 -3.41 -7.34
C LEU A 822 -11.51 -3.62 -5.92
N THR A 823 -12.44 -3.68 -4.97
CA THR A 823 -12.09 -3.88 -3.57
C THR A 823 -11.33 -5.20 -3.41
N LEU A 824 -11.95 -6.26 -3.89
CA LEU A 824 -11.28 -7.54 -4.07
C LEU A 824 -9.84 -7.44 -4.56
N LYS A 825 -9.64 -6.68 -5.63
CA LYS A 825 -8.31 -6.60 -6.22
C LYS A 825 -7.34 -5.71 -5.45
N THR A 826 -7.82 -4.98 -4.46
CA THR A 826 -6.91 -4.14 -3.66
C THR A 826 -6.51 -4.88 -2.42
N TYR A 827 -7.17 -6.02 -2.21
CA TYR A 827 -6.96 -6.84 -1.03
C TYR A 827 -5.55 -7.40 -1.01
N LEU A 828 -5.01 -7.48 0.20
CA LEU A 828 -3.73 -8.09 0.47
C LEU A 828 -4.02 -9.08 1.60
N HIS A 829 -3.52 -10.31 1.47
CA HIS A 829 -3.65 -11.28 2.55
C HIS A 829 -2.41 -11.15 3.40
N THR A 830 -2.56 -10.91 4.69
CA THR A 830 -1.40 -10.53 5.50
C THR A 830 -0.87 -11.71 6.31
N TYR A 831 -1.71 -12.72 6.47
CA TYR A 831 -1.36 -13.90 7.25
C TYR A 831 -0.94 -13.47 8.65
N GLU A 832 -1.52 -12.38 9.12
CA GLU A 832 -1.22 -11.89 10.44
C GLU A 832 -2.34 -12.36 11.34
N SER A 833 -2.14 -12.17 12.64
CA SER A 833 -3.13 -12.56 13.64
C SER A 833 -4.20 -11.48 13.73
N GLU A 834 -4.90 -11.43 14.85
CA GLU A 834 -6.00 -10.49 15.04
C GLU A 834 -5.52 -9.13 15.57
N ILE A 835 -6.08 -8.05 15.04
CA ILE A 835 -5.68 -6.69 15.39
C ILE A 835 -6.15 -6.25 16.77
#